data_8ZTL
#
_entry.id   8ZTL
#
_cell.length_a   1.00
_cell.length_b   1.00
_cell.length_c   1.00
_cell.angle_alpha   90.00
_cell.angle_beta   90.00
_cell.angle_gamma   90.00
#
_symmetry.space_group_name_H-M   'P 1'
#
loop_
_entity.id
_entity.type
_entity.pdbx_description
1 polymer 'Aluminum-activated malate transporter 9'
2 non-polymer 'PALMITIC ACID'
3 non-polymer '2-(HEXADECANOYLOXY)-1-[(PHOSPHONOOXY)METHYL]ETHYL HEXADECANOATE'
4 non-polymer D-MALATE
5 non-polymer DECANE
6 water water
#
_entity_poly.entity_id   1
_entity_poly.type   'polypeptide(L)'
_entity_poly.pdbx_seq_one_letter_code
;MAAKQGSFRHGILEKRERLLSNNGFSDFRFTDIESNDLLENENCGRRTRLCCCCSCGNLSEKISGVYDDAKDVARKAWEM
GVSDPRKIVFSAKIGLALTIVALLIFYQEPNPDLSRYSVWAILTVVVVFEFTIGATLSKGFNRALGTLSAGGLALGMAEL
STLFGDWEEIFCTLSIFCIGFLATFMKLYPSMKAYEYGFRVFLLTYCYILISGFRTGQFIEVAISRFLLIALGAGVSLGV
NMFIYPIWAGEDLHNLVVKNFMNVATSLEGCVNGYLRCLEYERIPSKILTYQASEDPVYKGYRSAVESTSQEESLMSFAI
WEPPHGPYKSFNYPWKNYVKLSGALKHCAFTVMALHGCILSEIQAPEERRQVFRQELQRVGVEGAKLLRELGEKVKKMEK
LGPVDLLFEVHLAAEELQHKIDKKSYLLVNSECWEIGNRATKESEPQELLSLEDSDPPENHAPPIYAFKSLSEAVLEIPP
SWGEKNHREALNHRPTFSKQVSWPARLVLPPHLETTNGASPLVETTKTYESASALSLATFASLLIEFVARLQNVVDAFKE
LSQKANFKEPEIVTTGTDVEFSGERVGLGQKIRRCFGM
;
_entity_poly.pdbx_strand_id   A,B
#
# COMPACT_ATOMS: atom_id res chain seq x y z
N ALA A 77 14.09 14.25 14.75
CA ALA A 77 14.41 15.63 14.37
C ALA A 77 15.90 15.77 14.06
N TRP A 78 16.69 16.10 15.09
CA TRP A 78 18.12 16.25 14.90
C TRP A 78 18.75 14.96 14.39
N GLU A 79 18.31 13.81 14.91
CA GLU A 79 18.80 12.53 14.41
C GLU A 79 18.39 12.31 12.96
N MET A 80 17.14 12.66 12.62
CA MET A 80 16.66 12.49 11.26
C MET A 80 17.32 13.47 10.29
N GLY A 81 18.00 14.49 10.80
CA GLY A 81 18.70 15.43 9.96
C GLY A 81 20.16 15.04 9.78
N VAL A 82 20.82 14.73 10.90
CA VAL A 82 22.22 14.31 10.84
C VAL A 82 22.38 13.00 10.11
N SER A 83 21.41 12.09 10.24
CA SER A 83 21.47 10.81 9.55
C SER A 83 20.91 10.87 8.13
N ASP A 84 20.40 12.02 7.70
CA ASP A 84 19.81 12.17 6.38
C ASP A 84 19.82 13.63 5.96
N PRO A 85 20.93 14.14 5.43
CA PRO A 85 20.98 15.53 4.96
C PRO A 85 20.10 15.84 3.75
N ARG A 86 19.42 14.85 3.18
CA ARG A 86 18.52 15.11 2.06
C ARG A 86 17.31 15.92 2.50
N LYS A 87 16.72 15.56 3.63
CA LYS A 87 15.47 16.13 4.11
C LYS A 87 15.65 17.54 4.67
N ILE A 88 16.88 18.00 4.86
CA ILE A 88 17.14 19.37 5.24
C ILE A 88 17.19 20.28 4.02
N VAL A 89 17.90 19.82 2.98
CA VAL A 89 18.00 20.60 1.76
C VAL A 89 16.65 20.70 1.07
N PHE A 90 15.82 19.65 1.16
CA PHE A 90 14.50 19.72 0.52
C PHE A 90 13.65 20.81 1.16
N SER A 91 13.59 20.84 2.49
CA SER A 91 12.81 21.87 3.18
C SER A 91 13.38 23.26 2.93
N ALA A 92 14.71 23.38 2.86
CA ALA A 92 15.29 24.70 2.61
C ALA A 92 14.99 25.16 1.18
N LYS A 93 14.84 24.23 0.24
CA LYS A 93 14.54 24.62 -1.13
C LYS A 93 13.07 24.99 -1.30
N ILE A 94 12.19 24.36 -0.53
CA ILE A 94 10.79 24.81 -0.52
C ILE A 94 10.70 26.22 0.06
N GLY A 95 11.35 26.45 1.20
CA GLY A 95 11.34 27.79 1.78
C GLY A 95 11.95 28.84 0.86
N LEU A 96 12.98 28.48 0.11
CA LEU A 96 13.57 29.43 -0.83
C LEU A 96 12.61 29.80 -1.95
N ALA A 97 11.87 28.81 -2.47
CA ALA A 97 10.93 29.11 -3.53
C ALA A 97 9.78 29.99 -3.03
N LEU A 98 9.29 29.70 -1.82
CA LEU A 98 8.23 30.52 -1.27
C LEU A 98 8.71 31.95 -1.03
N THR A 99 9.96 32.13 -0.58
CA THR A 99 10.39 33.49 -0.30
C THR A 99 10.74 34.27 -1.56
N ILE A 100 11.00 33.58 -2.67
CA ILE A 100 11.23 34.34 -3.89
C ILE A 100 9.90 34.78 -4.50
N VAL A 101 8.89 33.90 -4.46
CA VAL A 101 7.59 34.30 -4.94
C VAL A 101 7.02 35.42 -4.06
N ALA A 102 7.27 35.34 -2.75
CA ALA A 102 6.82 36.39 -1.85
C ALA A 102 7.47 37.71 -2.21
N LEU A 103 8.81 37.77 -2.20
CA LEU A 103 9.50 39.01 -2.55
C LEU A 103 8.95 39.60 -3.85
N LEU A 104 8.68 38.77 -4.85
CA LEU A 104 8.13 39.30 -6.09
C LEU A 104 6.76 39.94 -5.87
N ILE A 105 5.88 39.27 -5.11
CA ILE A 105 4.55 39.85 -4.88
C ILE A 105 4.66 41.14 -4.09
N PHE A 106 5.50 41.16 -3.05
CA PHE A 106 5.60 42.33 -2.19
C PHE A 106 6.13 43.54 -2.94
N TYR A 107 7.28 43.39 -3.61
CA TYR A 107 7.85 44.52 -4.34
C TYR A 107 7.29 44.49 -5.75
N GLN A 108 6.35 45.39 -6.02
CA GLN A 108 5.66 45.47 -7.29
C GLN A 108 5.56 46.93 -7.71
N GLU A 109 5.26 47.13 -8.99
CA GLU A 109 5.05 48.48 -9.50
C GLU A 109 4.14 49.26 -8.54
N PRO A 110 4.47 50.54 -8.27
CA PRO A 110 3.68 51.32 -7.29
C PRO A 110 2.18 51.11 -7.42
N ASN A 111 1.69 50.95 -8.64
CA ASN A 111 0.28 50.68 -8.86
C ASN A 111 -0.05 49.26 -8.43
N PRO A 112 -0.75 49.05 -7.32
CA PRO A 112 -1.08 47.69 -6.90
C PRO A 112 -2.36 47.18 -7.53
N ASP A 113 -3.17 48.11 -8.06
CA ASP A 113 -4.42 47.74 -8.71
C ASP A 113 -4.21 47.02 -10.04
N LEU A 114 -2.99 47.02 -10.57
CA LEU A 114 -2.72 46.28 -11.79
C LEU A 114 -3.07 44.81 -11.63
N SER A 115 -2.82 44.25 -10.46
CA SER A 115 -3.17 42.86 -10.18
C SER A 115 -3.58 42.72 -8.72
N ARG A 116 -4.60 41.90 -8.48
CA ARG A 116 -5.06 41.57 -7.14
C ARG A 116 -5.19 40.07 -6.94
N TYR A 117 -5.07 39.27 -8.00
CA TYR A 117 -5.07 37.82 -7.91
C TYR A 117 -3.63 37.29 -7.92
N SER A 118 -2.89 37.65 -6.88
CA SER A 118 -1.47 37.31 -6.79
C SER A 118 -1.20 36.12 -5.88
N VAL A 119 -2.16 35.73 -5.05
CA VAL A 119 -1.98 34.55 -4.21
C VAL A 119 -2.03 33.29 -5.04
N TRP A 120 -2.57 33.38 -6.26
CA TRP A 120 -2.61 32.22 -7.15
C TRP A 120 -1.20 31.76 -7.51
N ALA A 121 -0.24 32.68 -7.50
CA ALA A 121 1.15 32.34 -7.76
C ALA A 121 1.83 31.71 -6.56
N ILE A 122 1.45 32.11 -5.34
CA ILE A 122 2.11 31.58 -4.15
C ILE A 122 1.51 30.25 -3.74
N LEU A 123 0.25 29.98 -4.08
CA LEU A 123 -0.36 28.71 -3.71
C LEU A 123 -0.05 27.57 -4.68
N THR A 124 0.55 27.86 -5.83
CA THR A 124 0.97 26.79 -6.73
C THR A 124 2.25 26.10 -6.27
N VAL A 125 3.15 26.86 -5.63
CA VAL A 125 4.40 26.29 -5.14
C VAL A 125 4.13 25.19 -4.13
N VAL A 126 3.20 25.43 -3.21
CA VAL A 126 2.87 24.44 -2.18
C VAL A 126 2.22 23.19 -2.76
N VAL A 127 1.79 23.24 -4.02
CA VAL A 127 1.08 22.11 -4.63
C VAL A 127 1.88 21.42 -5.73
N VAL A 128 3.00 21.99 -6.18
CA VAL A 128 3.74 21.36 -7.27
C VAL A 128 5.20 21.08 -6.89
N PHE A 129 5.50 20.95 -5.60
CA PHE A 129 6.81 20.49 -5.15
C PHE A 129 6.74 19.03 -4.74
N GLU A 130 7.53 18.19 -5.39
CA GLU A 130 7.68 16.79 -5.03
C GLU A 130 9.14 16.48 -4.71
N PHE A 131 9.35 15.32 -4.08
CA PHE A 131 10.69 14.91 -3.67
C PHE A 131 11.61 14.74 -4.88
N THR A 132 11.11 14.13 -5.96
CA THR A 132 11.89 13.82 -7.15
C THR A 132 11.48 14.71 -8.32
N ILE A 133 12.38 14.78 -9.31
CA ILE A 133 12.12 15.59 -10.51
C ILE A 133 11.06 14.93 -11.40
N GLY A 134 11.17 13.63 -11.61
CA GLY A 134 10.24 12.95 -12.49
C GLY A 134 8.81 12.99 -11.97
N ALA A 135 8.66 12.90 -10.66
CA ALA A 135 7.33 13.00 -10.07
C ALA A 135 6.74 14.40 -10.30
N THR A 136 7.58 15.43 -10.16
CA THR A 136 7.09 16.79 -10.38
C THR A 136 6.64 16.98 -11.83
N LEU A 137 7.41 16.44 -12.78
CA LEU A 137 7.02 16.64 -14.18
C LEU A 137 5.76 15.85 -14.54
N SER A 138 5.65 14.62 -14.03
CA SER A 138 4.49 13.80 -14.35
C SER A 138 3.22 14.37 -13.72
N LYS A 139 3.31 14.81 -12.47
CA LYS A 139 2.13 15.34 -11.80
C LYS A 139 1.72 16.68 -12.38
N GLY A 140 2.68 17.53 -12.76
CA GLY A 140 2.32 18.79 -13.38
C GLY A 140 1.63 18.60 -14.72
N PHE A 141 2.08 17.61 -15.51
CA PHE A 141 1.38 17.34 -16.76
C PHE A 141 -0.03 16.84 -16.52
N ASN A 142 -0.20 15.94 -15.53
CA ASN A 142 -1.54 15.41 -15.28
C ASN A 142 -2.48 16.44 -14.68
N ARG A 143 -1.93 17.45 -13.99
CA ARG A 143 -2.79 18.52 -13.48
C ARG A 143 -3.18 19.52 -14.57
N ALA A 144 -2.27 19.81 -15.49
CA ALA A 144 -2.62 20.74 -16.56
C ALA A 144 -3.59 20.12 -17.54
N LEU A 145 -3.58 18.78 -17.67
CA LEU A 145 -4.57 18.13 -18.51
C LEU A 145 -5.98 18.38 -18.00
N GLY A 146 -6.20 18.10 -16.72
CA GLY A 146 -7.53 18.27 -16.15
C GLY A 146 -7.96 19.72 -16.13
N THR A 147 -7.04 20.63 -15.83
CA THR A 147 -7.43 22.02 -15.73
C THR A 147 -7.87 22.56 -17.10
N LEU A 148 -7.08 22.29 -18.15
CA LEU A 148 -7.46 22.81 -19.46
C LEU A 148 -8.76 22.16 -19.95
N SER A 149 -8.92 20.85 -19.75
CA SER A 149 -10.13 20.21 -20.22
C SER A 149 -11.37 20.74 -19.50
N ALA A 150 -11.27 20.94 -18.18
CA ALA A 150 -12.42 21.43 -17.43
C ALA A 150 -12.76 22.87 -17.80
N GLY A 151 -11.74 23.71 -18.03
CA GLY A 151 -12.03 25.07 -18.45
C GLY A 151 -12.70 25.13 -19.81
N GLY A 152 -12.28 24.26 -20.73
CA GLY A 152 -12.94 24.24 -22.03
C GLY A 152 -14.38 23.77 -21.94
N LEU A 153 -14.62 22.72 -21.15
CA LEU A 153 -16.00 22.25 -20.97
C LEU A 153 -16.88 23.31 -20.34
N ALA A 154 -16.36 24.00 -19.31
CA ALA A 154 -17.16 25.02 -18.64
C ALA A 154 -17.49 26.17 -19.58
N LEU A 155 -16.53 26.60 -20.39
CA LEU A 155 -16.83 27.69 -21.31
C LEU A 155 -17.82 27.26 -22.38
N GLY A 156 -17.76 25.98 -22.80
CA GLY A 156 -18.73 25.50 -23.76
C GLY A 156 -20.14 25.48 -23.19
N MET A 157 -20.28 25.00 -21.95
CA MET A 157 -21.61 25.00 -21.33
C MET A 157 -22.11 26.42 -21.11
N ALA A 158 -21.24 27.34 -20.70
CA ALA A 158 -21.66 28.72 -20.50
C ALA A 158 -22.15 29.34 -21.80
N GLU A 159 -21.42 29.12 -22.90
CA GLU A 159 -21.86 29.66 -24.18
C GLU A 159 -23.17 29.04 -24.63
N LEU A 160 -23.33 27.73 -24.45
CA LEU A 160 -24.58 27.07 -24.84
C LEU A 160 -25.74 27.39 -23.92
N SER A 161 -25.49 27.97 -22.75
CA SER A 161 -26.57 28.22 -21.79
C SER A 161 -27.44 29.40 -22.19
N THR A 162 -26.89 30.41 -22.86
CA THR A 162 -27.65 31.63 -23.13
C THR A 162 -28.83 31.39 -24.07
N LEU A 163 -28.89 30.24 -24.75
CA LEU A 163 -30.03 29.96 -25.60
C LEU A 163 -31.31 29.87 -24.77
N PHE A 164 -31.25 29.23 -23.60
CA PHE A 164 -32.39 29.12 -22.70
C PHE A 164 -32.37 30.30 -21.74
N GLY A 165 -32.79 31.46 -22.25
CA GLY A 165 -32.78 32.66 -21.43
C GLY A 165 -33.70 32.57 -20.23
N ASP A 166 -34.85 31.92 -20.40
CA ASP A 166 -35.82 31.84 -19.31
C ASP A 166 -35.26 31.07 -18.12
N TRP A 167 -34.57 29.95 -18.38
CA TRP A 167 -34.05 29.08 -17.32
C TRP A 167 -32.54 28.98 -17.47
N GLU A 168 -31.81 29.77 -16.70
CA GLU A 168 -30.35 29.70 -16.67
C GLU A 168 -29.83 28.95 -15.45
N GLU A 169 -30.38 29.25 -14.27
CA GLU A 169 -29.92 28.57 -13.06
C GLU A 169 -30.26 27.09 -13.08
N ILE A 170 -31.40 26.73 -13.68
CA ILE A 170 -31.79 25.32 -13.72
C ILE A 170 -30.83 24.52 -14.60
N PHE A 171 -30.50 25.05 -15.77
CA PHE A 171 -29.55 24.38 -16.66
C PHE A 171 -28.17 24.31 -16.01
N CYS A 172 -27.74 25.40 -15.37
CA CYS A 172 -26.42 25.37 -14.73
C CYS A 172 -26.35 24.31 -13.63
N THR A 173 -27.39 24.21 -12.80
CA THR A 173 -27.36 23.22 -11.74
C THR A 173 -27.50 21.80 -12.28
N LEU A 174 -28.26 21.61 -13.37
CA LEU A 174 -28.32 20.31 -14.00
C LEU A 174 -26.99 19.94 -14.65
N SER A 175 -26.16 20.93 -14.98
CA SER A 175 -24.81 20.63 -15.46
C SER A 175 -23.88 20.26 -14.32
N ILE A 176 -24.03 20.93 -13.17
CA ILE A 176 -23.15 20.66 -12.04
C ILE A 176 -23.42 19.27 -11.47
N PHE A 177 -24.70 18.88 -11.41
CA PHE A 177 -25.03 17.56 -10.87
C PHE A 177 -24.42 16.45 -11.73
N CYS A 178 -24.57 16.57 -13.06
CA CYS A 178 -24.06 15.54 -13.95
C CYS A 178 -22.54 15.48 -13.91
N ILE A 179 -21.88 16.64 -13.84
CA ILE A 179 -20.41 16.64 -13.83
C ILE A 179 -19.89 16.02 -12.54
N GLY A 180 -20.52 16.34 -11.41
CA GLY A 180 -20.07 15.74 -10.16
C GLY A 180 -20.28 14.24 -10.13
N PHE A 181 -21.42 13.78 -10.68
CA PHE A 181 -21.67 12.34 -10.67
C PHE A 181 -20.69 11.61 -11.57
N LEU A 182 -20.38 12.16 -12.74
CA LEU A 182 -19.48 11.47 -13.65
C LEU A 182 -18.05 11.48 -13.12
N ALA A 183 -17.63 12.59 -12.51
CA ALA A 183 -16.26 12.63 -12.00
C ALA A 183 -16.07 11.68 -10.82
N THR A 184 -17.09 11.56 -9.94
CA THR A 184 -16.92 10.66 -8.81
C THR A 184 -16.96 9.20 -9.26
N PHE A 185 -17.88 8.86 -10.16
CA PHE A 185 -17.93 7.49 -10.64
C PHE A 185 -16.65 7.11 -11.37
N MET A 186 -16.12 8.01 -12.18
CA MET A 186 -14.91 7.70 -12.94
C MET A 186 -13.67 7.67 -12.05
N LYS A 187 -13.67 8.38 -10.92
CA LYS A 187 -12.53 8.32 -10.02
C LYS A 187 -12.59 7.15 -9.05
N LEU A 188 -13.75 6.50 -8.91
CA LEU A 188 -13.81 5.30 -8.06
C LEU A 188 -13.38 4.03 -8.79
N TYR A 189 -13.02 4.11 -10.07
CA TYR A 189 -12.60 2.94 -10.82
C TYR A 189 -11.28 2.39 -10.27
N PRO A 190 -11.19 1.07 -10.01
CA PRO A 190 -9.95 0.53 -9.44
C PRO A 190 -8.70 0.77 -10.28
N SER A 191 -8.82 0.69 -11.61
CA SER A 191 -7.65 0.84 -12.46
C SER A 191 -7.05 2.24 -12.34
N MET A 192 -7.90 3.27 -12.36
CA MET A 192 -7.44 4.66 -12.31
C MET A 192 -7.39 5.18 -10.88
N LYS A 193 -6.68 4.46 -10.01
CA LYS A 193 -6.59 4.81 -8.60
C LYS A 193 -5.30 5.53 -8.25
N ALA A 194 -4.29 5.46 -9.10
CA ALA A 194 -3.05 6.21 -8.91
C ALA A 194 -3.12 7.61 -9.50
N TYR A 195 -4.26 7.98 -10.08
CA TYR A 195 -4.46 9.29 -10.70
C TYR A 195 -5.56 10.08 -10.01
N GLU A 196 -5.74 9.89 -8.71
CA GLU A 196 -6.80 10.57 -7.99
C GLU A 196 -6.54 12.06 -7.86
N TYR A 197 -5.29 12.51 -7.98
CA TYR A 197 -4.99 13.93 -7.87
C TYR A 197 -5.47 14.72 -9.09
N GLY A 198 -5.51 14.08 -10.25
CA GLY A 198 -5.94 14.76 -11.46
C GLY A 198 -7.43 14.80 -11.70
N PHE A 199 -8.20 14.03 -10.94
CA PHE A 199 -9.65 14.02 -11.05
C PHE A 199 -10.33 15.07 -10.17
N ARG A 200 -9.68 15.50 -9.09
CA ARG A 200 -10.23 16.56 -8.27
C ARG A 200 -10.04 17.94 -8.90
N VAL A 201 -8.95 18.13 -9.64
CA VAL A 201 -8.70 19.40 -10.30
C VAL A 201 -9.79 19.67 -11.33
N PHE A 202 -10.22 18.64 -12.04
CA PHE A 202 -11.24 18.82 -13.08
C PHE A 202 -12.54 19.35 -12.49
N LEU A 203 -13.05 18.68 -11.45
CA LEU A 203 -14.30 19.10 -10.85
C LEU A 203 -14.18 20.47 -10.21
N LEU A 204 -13.07 20.73 -9.51
CA LEU A 204 -12.90 22.03 -8.87
C LEU A 204 -12.86 23.15 -9.89
N THR A 205 -12.16 22.94 -11.01
CA THR A 205 -12.08 23.96 -12.04
C THR A 205 -13.44 24.20 -12.69
N TYR A 206 -14.17 23.13 -12.99
CA TYR A 206 -15.49 23.31 -13.59
C TYR A 206 -16.40 24.12 -12.67
N CYS A 207 -16.44 23.77 -11.38
CA CYS A 207 -17.35 24.47 -10.49
C CYS A 207 -16.92 25.92 -10.27
N TYR A 208 -15.63 26.17 -10.04
CA TYR A 208 -15.17 27.53 -9.87
C TYR A 208 -15.46 28.40 -11.09
N ILE A 209 -15.23 27.86 -12.30
CA ILE A 209 -15.34 28.71 -13.48
C ILE A 209 -16.75 28.73 -14.04
N LEU A 210 -17.67 27.99 -13.45
CA LEU A 210 -19.07 28.11 -13.81
C LEU A 210 -19.85 28.95 -12.80
N ILE A 211 -19.49 28.88 -11.52
CA ILE A 211 -20.14 29.74 -10.53
C ILE A 211 -19.55 31.15 -10.55
N SER A 212 -18.26 31.29 -10.86
CA SER A 212 -17.65 32.62 -10.91
C SER A 212 -17.92 33.34 -12.24
N GLY A 213 -18.07 32.59 -13.33
CA GLY A 213 -18.34 33.22 -14.60
C GLY A 213 -19.83 33.36 -14.87
N PHE A 214 -20.61 33.56 -13.82
CA PHE A 214 -22.03 33.81 -13.94
C PHE A 214 -22.29 35.32 -13.96
N ARG A 215 -23.14 35.77 -14.88
CA ARG A 215 -23.44 37.19 -15.03
C ARG A 215 -22.18 37.99 -15.38
N THR A 216 -21.37 37.46 -16.29
CA THR A 216 -20.15 38.13 -16.70
C THR A 216 -19.73 37.62 -18.08
N GLY A 217 -19.36 38.55 -18.95
CA GLY A 217 -18.91 38.22 -20.29
C GLY A 217 -17.42 38.24 -20.53
N GLN A 218 -16.61 38.56 -19.51
CA GLN A 218 -15.16 38.61 -19.64
C GLN A 218 -14.47 37.54 -18.80
N PHE A 219 -15.20 36.50 -18.41
CA PHE A 219 -14.55 35.42 -17.68
C PHE A 219 -13.54 34.69 -18.54
N ILE A 220 -13.76 34.64 -19.86
CA ILE A 220 -12.74 34.10 -20.74
C ILE A 220 -11.43 34.84 -20.52
N GLU A 221 -11.50 36.16 -20.37
CA GLU A 221 -10.30 36.96 -20.14
C GLU A 221 -9.73 36.73 -18.75
N VAL A 222 -10.60 36.55 -17.75
CA VAL A 222 -10.12 36.27 -16.40
C VAL A 222 -9.32 34.97 -16.35
N ALA A 223 -9.88 33.91 -16.95
CA ALA A 223 -9.25 32.59 -16.96
C ALA A 223 -7.77 32.67 -17.34
N ILE A 224 -7.45 33.36 -18.43
CA ILE A 224 -6.07 33.41 -18.90
C ILE A 224 -5.18 34.06 -17.86
N SER A 225 -5.66 35.10 -17.17
CA SER A 225 -4.87 35.72 -16.12
C SER A 225 -4.57 34.72 -15.01
N ARG A 226 -5.59 33.99 -14.57
CA ARG A 226 -5.38 33.02 -13.50
C ARG A 226 -4.35 31.95 -13.93
N PHE A 227 -4.45 31.48 -15.17
CA PHE A 227 -3.49 30.47 -15.60
C PHE A 227 -2.12 31.05 -15.87
N LEU A 228 -2.01 32.38 -16.05
CA LEU A 228 -0.68 32.94 -16.23
C LEU A 228 0.02 33.11 -14.89
N LEU A 229 -0.75 33.28 -13.82
CA LEU A 229 -0.11 33.31 -12.51
C LEU A 229 0.21 31.91 -12.03
N ILE A 230 -0.61 30.93 -12.41
CA ILE A 230 -0.28 29.55 -12.10
C ILE A 230 0.94 29.09 -12.89
N ALA A 231 1.11 29.60 -14.11
CA ALA A 231 2.28 29.27 -14.90
C ALA A 231 3.54 29.90 -14.32
N LEU A 232 3.44 31.15 -13.83
CA LEU A 232 4.61 31.77 -13.21
C LEU A 232 5.04 31.00 -11.97
N GLY A 233 4.08 30.58 -11.14
CA GLY A 233 4.44 29.82 -9.95
C GLY A 233 5.05 28.47 -10.29
N ALA A 234 4.51 27.79 -11.30
CA ALA A 234 5.04 26.48 -11.64
C ALA A 234 6.42 26.57 -12.29
N GLY A 235 6.67 27.65 -13.05
CA GLY A 235 8.00 27.83 -13.62
C GLY A 235 9.05 28.09 -12.55
N VAL A 236 8.71 28.89 -11.54
CA VAL A 236 9.69 29.13 -10.49
C VAL A 236 9.94 27.86 -9.70
N SER A 237 8.88 27.09 -9.40
CA SER A 237 9.06 25.85 -8.66
C SER A 237 9.92 24.87 -9.44
N LEU A 238 9.70 24.76 -10.75
CA LEU A 238 10.47 23.80 -11.54
C LEU A 238 11.93 24.20 -11.63
N GLY A 239 12.21 25.49 -11.80
CA GLY A 239 13.61 25.90 -11.88
C GLY A 239 14.36 25.64 -10.59
N VAL A 240 13.75 26.01 -9.46
CA VAL A 240 14.42 25.81 -8.18
C VAL A 240 14.57 24.32 -7.89
N ASN A 241 13.58 23.51 -8.23
CA ASN A 241 13.69 22.08 -7.99
C ASN A 241 14.80 21.46 -8.83
N MET A 242 14.93 21.85 -10.08
CA MET A 242 15.80 21.15 -11.00
C MET A 242 17.21 21.71 -11.08
N PHE A 243 17.53 22.81 -10.38
CA PHE A 243 18.85 23.39 -10.55
C PHE A 243 19.70 23.51 -9.29
N ILE A 244 19.25 23.02 -8.13
CA ILE A 244 19.99 23.17 -6.88
C ILE A 244 20.60 21.85 -6.41
N TYR A 245 19.77 20.85 -6.13
CA TYR A 245 20.25 19.54 -5.66
C TYR A 245 19.26 18.47 -6.09
N PRO A 246 19.21 18.17 -7.38
CA PRO A 246 18.20 17.22 -7.88
C PRO A 246 18.28 15.87 -7.19
N ILE A 247 17.11 15.30 -6.91
CA ILE A 247 16.99 13.94 -6.41
C ILE A 247 16.30 13.14 -7.50
N TRP A 248 17.00 12.15 -8.05
CA TRP A 248 16.52 11.38 -9.18
C TRP A 248 15.94 10.05 -8.70
N ALA A 249 14.82 9.64 -9.31
CA ALA A 249 14.22 8.35 -8.99
C ALA A 249 14.98 7.18 -9.60
N GLY A 250 15.72 7.39 -10.68
CA GLY A 250 16.50 6.30 -11.25
C GLY A 250 17.57 5.81 -10.30
N GLU A 251 18.24 6.74 -9.62
CA GLU A 251 19.23 6.35 -8.62
C GLU A 251 18.56 5.66 -7.43
N ASP A 252 17.35 6.07 -7.09
CA ASP A 252 16.63 5.43 -5.99
C ASP A 252 16.32 3.97 -6.32
N LEU A 253 15.88 3.70 -7.55
CA LEU A 253 15.61 2.32 -7.95
C LEU A 253 16.90 1.51 -8.03
N HIS A 254 17.96 2.14 -8.54
CA HIS A 254 19.25 1.47 -8.65
C HIS A 254 19.79 1.08 -7.27
N ASN A 255 19.60 1.93 -6.28
CA ASN A 255 20.05 1.62 -4.92
C ASN A 255 19.15 0.59 -4.25
N LEU A 256 17.86 0.60 -4.60
CA LEU A 256 16.93 -0.33 -3.97
C LEU A 256 17.21 -1.76 -4.37
N VAL A 257 17.62 -1.99 -5.61
CA VAL A 257 17.94 -3.36 -6.04
C VAL A 257 19.09 -3.92 -5.20
N VAL A 258 20.14 -3.14 -5.02
CA VAL A 258 21.30 -3.59 -4.23
C VAL A 258 20.90 -3.85 -2.79
N LYS A 259 20.03 -2.98 -2.25
CA LYS A 259 19.63 -3.17 -0.85
C LYS A 259 18.84 -4.46 -0.69
N ASN A 260 18.02 -4.80 -1.68
CA ASN A 260 17.26 -6.05 -1.58
C ASN A 260 18.16 -7.27 -1.69
N PHE A 261 19.24 -7.18 -2.48
CA PHE A 261 20.16 -8.31 -2.55
C PHE A 261 20.85 -8.54 -1.20
N MET A 262 21.25 -7.45 -0.53
CA MET A 262 21.91 -7.62 0.76
C MET A 262 20.95 -8.10 1.84
N ASN A 263 19.70 -7.64 1.78
CA ASN A 263 18.70 -8.11 2.75
C ASN A 263 18.45 -9.60 2.61
N VAL A 264 18.33 -10.09 1.38
CA VAL A 264 18.06 -11.52 1.20
C VAL A 264 19.24 -12.36 1.67
N ALA A 265 20.47 -11.89 1.42
CA ALA A 265 21.62 -12.65 1.89
C ALA A 265 21.64 -12.73 3.42
N THR A 266 21.36 -11.60 4.09
CA THR A 266 21.36 -11.61 5.55
C THR A 266 20.26 -12.52 6.09
N SER A 267 19.09 -12.50 5.46
CA SER A 267 18.00 -13.37 5.93
C SER A 267 18.36 -14.84 5.80
N LEU A 268 18.97 -15.24 4.68
CA LEU A 268 19.33 -16.64 4.52
C LEU A 268 20.32 -17.08 5.59
N GLU A 269 21.34 -16.25 5.85
CA GLU A 269 22.30 -16.61 6.90
C GLU A 269 21.62 -16.70 8.26
N GLY A 270 20.72 -15.75 8.55
CA GLY A 270 20.06 -15.76 9.84
C GLY A 270 19.17 -16.96 10.06
N CYS A 271 18.43 -17.38 9.03
CA CYS A 271 17.56 -18.54 9.19
C CYS A 271 18.37 -19.82 9.36
N VAL A 272 19.44 -19.99 8.57
CA VAL A 272 20.21 -21.21 8.69
C VAL A 272 20.89 -21.28 10.05
N ASN A 273 21.36 -20.15 10.57
CA ASN A 273 21.97 -20.17 11.90
C ASN A 273 20.94 -20.35 13.00
N GLY A 274 19.74 -19.78 12.83
CA GLY A 274 18.71 -19.92 13.84
C GLY A 274 18.19 -21.34 13.99
N TYR A 275 18.11 -22.09 12.89
CA TYR A 275 17.56 -23.44 13.02
C TYR A 275 18.47 -24.37 13.81
N LEU A 276 19.78 -24.11 13.85
CA LEU A 276 20.73 -24.99 14.50
C LEU A 276 21.12 -24.53 15.89
N ARG A 277 20.45 -23.51 16.44
CA ARG A 277 20.86 -22.97 17.73
C ARG A 277 20.72 -24.02 18.82
N CYS A 278 21.63 -23.98 19.78
CA CYS A 278 21.60 -24.91 20.91
C CYS A 278 20.72 -24.37 22.04
N VAL A 298 16.56 -11.23 9.68
CA VAL A 298 16.00 -12.57 9.75
C VAL A 298 14.51 -12.54 9.43
N TYR A 299 13.87 -11.41 9.73
CA TYR A 299 12.45 -11.23 9.47
C TYR A 299 12.16 -10.12 8.48
N LYS A 300 12.78 -8.95 8.64
CA LYS A 300 12.56 -7.85 7.72
C LYS A 300 13.34 -8.01 6.42
N GLY A 301 14.28 -8.95 6.36
CA GLY A 301 15.10 -9.10 5.18
C GLY A 301 14.30 -9.49 3.96
N TYR A 302 13.66 -10.66 4.01
CA TYR A 302 12.83 -11.08 2.89
C TYR A 302 11.57 -10.24 2.77
N ARG A 303 11.09 -9.69 3.89
CA ARG A 303 9.90 -8.85 3.84
C ARG A 303 10.12 -7.60 3.01
N SER A 304 11.31 -6.99 3.13
CA SER A 304 11.61 -5.80 2.34
C SER A 304 11.60 -6.13 0.84
N ALA A 305 12.15 -7.29 0.47
CA ALA A 305 12.22 -7.66 -0.94
C ALA A 305 10.86 -8.07 -1.48
N VAL A 306 9.98 -8.64 -0.64
CA VAL A 306 8.73 -9.17 -1.14
C VAL A 306 7.68 -8.07 -1.32
N GLU A 307 7.69 -7.04 -0.48
CA GLU A 307 6.64 -6.03 -0.48
C GLU A 307 7.04 -4.74 -1.18
N SER A 308 8.12 -4.74 -1.96
CA SER A 308 8.60 -3.53 -2.62
C SER A 308 8.22 -3.44 -4.09
N THR A 309 7.30 -4.29 -4.57
CA THR A 309 6.93 -4.25 -5.98
C THR A 309 6.29 -2.91 -6.35
N SER A 310 5.41 -2.40 -5.49
CA SER A 310 4.75 -1.13 -5.77
C SER A 310 5.75 0.01 -5.84
N GLN A 311 6.73 0.02 -4.92
CA GLN A 311 7.75 1.07 -4.96
C GLN A 311 8.61 0.94 -6.21
N GLU A 312 8.99 -0.29 -6.57
CA GLU A 312 9.81 -0.53 -7.75
C GLU A 312 9.08 -0.25 -9.04
N GLU A 313 7.75 -0.13 -9.00
CA GLU A 313 6.98 0.23 -10.18
C GLU A 313 6.68 1.72 -10.25
N SER A 314 6.41 2.35 -9.11
CA SER A 314 6.21 3.80 -9.11
C SER A 314 7.51 4.52 -9.43
N LEU A 315 8.64 4.06 -8.90
CA LEU A 315 9.92 4.68 -9.22
C LEU A 315 10.24 4.51 -10.70
N MET A 316 9.89 3.37 -11.28
CA MET A 316 10.09 3.17 -12.71
C MET A 316 9.21 4.10 -13.53
N SER A 317 7.97 4.32 -13.09
CA SER A 317 7.09 5.25 -13.80
C SER A 317 7.64 6.67 -13.75
N PHE A 318 8.18 7.09 -12.60
CA PHE A 318 8.79 8.42 -12.51
C PHE A 318 10.09 8.51 -13.32
N ALA A 319 10.85 7.43 -13.41
CA ALA A 319 12.18 7.51 -14.01
C ALA A 319 12.15 7.70 -15.53
N ILE A 320 11.03 7.44 -16.20
CA ILE A 320 10.99 7.55 -17.66
C ILE A 320 10.80 8.97 -18.14
N TRP A 321 10.58 9.93 -17.24
CA TRP A 321 10.44 11.33 -17.63
C TRP A 321 11.75 12.09 -17.54
N GLU A 322 12.66 11.66 -16.67
CA GLU A 322 13.88 12.41 -16.38
C GLU A 322 14.85 12.34 -17.55
N PRO A 323 15.57 13.42 -17.84
CA PRO A 323 16.54 13.41 -18.94
C PRO A 323 17.82 12.67 -18.57
N PRO A 324 18.69 12.42 -19.54
CA PRO A 324 19.95 11.72 -19.25
C PRO A 324 20.83 12.51 -18.30
N HIS A 325 21.62 11.77 -17.51
CA HIS A 325 22.51 12.39 -16.54
C HIS A 325 23.46 11.33 -15.99
N GLY A 326 24.71 11.72 -15.78
CA GLY A 326 25.69 10.87 -15.15
C GLY A 326 25.91 9.55 -15.86
N PRO A 327 25.97 8.46 -15.08
CA PRO A 327 26.20 7.14 -15.69
C PRO A 327 25.12 6.72 -16.68
N TYR A 328 23.87 7.09 -16.42
CA TYR A 328 22.75 6.66 -17.26
C TYR A 328 22.60 7.66 -18.40
N LYS A 329 23.31 7.40 -19.50
CA LYS A 329 23.35 8.29 -20.66
C LYS A 329 22.74 7.56 -21.86
N SER A 330 21.43 7.68 -22.02
CA SER A 330 20.74 7.10 -23.16
C SER A 330 19.30 7.60 -23.15
N PHE A 331 18.73 7.73 -24.36
CA PHE A 331 17.38 8.28 -24.48
C PHE A 331 16.35 7.34 -23.87
N ASN A 332 16.49 6.04 -24.09
CA ASN A 332 15.57 5.04 -23.56
C ASN A 332 16.38 4.03 -22.73
N TYR A 333 16.59 4.34 -21.47
CA TYR A 333 17.32 3.45 -20.59
C TYR A 333 16.44 2.25 -20.23
N PRO A 334 16.97 1.03 -20.30
CA PRO A 334 16.15 -0.14 -19.96
C PRO A 334 15.85 -0.28 -18.48
N TRP A 335 15.01 0.61 -17.94
CA TRP A 335 14.63 0.54 -16.54
C TRP A 335 13.81 -0.71 -16.22
N LYS A 336 13.22 -1.35 -17.22
CA LYS A 336 12.39 -2.54 -16.99
C LYS A 336 13.21 -3.76 -16.59
N ASN A 337 14.45 -3.87 -17.09
CA ASN A 337 15.27 -5.03 -16.77
C ASN A 337 15.63 -5.06 -15.28
N TYR A 338 15.61 -3.91 -14.61
CA TYR A 338 15.82 -3.87 -13.17
C TYR A 338 14.66 -4.52 -12.45
N VAL A 339 13.44 -4.27 -12.92
CA VAL A 339 12.25 -4.87 -12.33
C VAL A 339 12.24 -6.38 -12.58
N LYS A 340 12.70 -6.80 -13.76
CA LYS A 340 12.75 -8.23 -14.04
C LYS A 340 13.73 -8.94 -13.09
N LEU A 341 14.89 -8.33 -12.84
CA LEU A 341 15.83 -8.92 -11.90
C LEU A 341 15.28 -8.92 -10.48
N SER A 342 14.56 -7.87 -10.10
CA SER A 342 13.98 -7.84 -8.76
C SER A 342 12.86 -8.86 -8.60
N GLY A 343 12.22 -9.26 -9.69
CA GLY A 343 11.18 -10.27 -9.58
C GLY A 343 11.75 -11.67 -9.51
N ALA A 344 12.86 -11.92 -10.21
CA ALA A 344 13.55 -13.19 -9.99
C ALA A 344 14.04 -13.31 -8.55
N LEU A 345 14.48 -12.19 -7.98
CA LEU A 345 14.94 -12.23 -6.59
C LEU A 345 13.77 -12.45 -5.62
N LYS A 346 12.59 -11.90 -5.92
CA LYS A 346 11.42 -12.18 -5.08
C LYS A 346 11.04 -13.66 -5.14
N HIS A 347 11.10 -14.25 -6.34
CA HIS A 347 10.81 -15.69 -6.45
C HIS A 347 11.81 -16.51 -5.65
N CYS A 348 13.04 -16.02 -5.51
CA CYS A 348 13.97 -16.72 -4.61
C CYS A 348 13.65 -16.47 -3.13
N ALA A 349 13.18 -15.27 -2.77
CA ALA A 349 12.90 -14.96 -1.37
C ALA A 349 11.68 -15.71 -0.81
N PHE A 350 10.79 -16.19 -1.67
CA PHE A 350 9.64 -16.93 -1.12
C PHE A 350 10.08 -18.22 -0.41
N THR A 351 11.16 -18.85 -0.87
CA THR A 351 11.64 -20.06 -0.20
C THR A 351 12.29 -19.73 1.14
N VAL A 352 12.93 -18.56 1.25
CA VAL A 352 13.47 -18.14 2.54
C VAL A 352 12.34 -17.89 3.52
N MET A 353 11.23 -17.33 3.05
CA MET A 353 10.07 -17.16 3.93
C MET A 353 9.53 -18.52 4.39
N ALA A 354 9.51 -19.50 3.49
CA ALA A 354 9.05 -20.82 3.89
C ALA A 354 10.02 -21.49 4.87
N LEU A 355 11.32 -21.20 4.76
CA LEU A 355 12.27 -21.72 5.73
C LEU A 355 12.13 -21.04 7.09
N HIS A 356 11.80 -19.75 7.11
CA HIS A 356 11.54 -19.09 8.38
C HIS A 356 10.30 -19.65 9.05
N GLY A 357 9.29 -20.03 8.26
CA GLY A 357 8.09 -20.59 8.87
C GLY A 357 8.32 -21.89 9.61
N CYS A 358 9.40 -22.61 9.30
CA CYS A 358 9.70 -23.86 10.00
C CYS A 358 10.19 -23.64 11.43
N ILE A 359 10.64 -22.42 11.77
CA ILE A 359 11.12 -22.18 13.12
C ILE A 359 9.98 -21.88 14.09
N LEU A 360 8.84 -21.41 13.59
CA LEU A 360 7.71 -21.03 14.43
C LEU A 360 6.63 -22.11 14.47
N SER A 361 6.93 -23.31 14.01
CA SER A 361 5.94 -24.37 13.90
C SER A 361 5.65 -24.99 15.27
N GLU A 362 4.46 -25.56 15.40
CA GLU A 362 4.09 -26.26 16.62
C GLU A 362 4.81 -27.58 16.76
N ILE A 363 5.13 -28.23 15.63
CA ILE A 363 5.80 -29.51 15.60
C ILE A 363 7.26 -29.29 15.21
N GLN A 364 8.18 -29.81 16.02
CA GLN A 364 9.60 -29.64 15.79
C GLN A 364 10.32 -30.97 16.01
N ALA A 365 11.60 -31.02 15.55
CA ALA A 365 12.42 -32.21 15.68
C ALA A 365 13.42 -32.07 16.83
N PRO A 366 13.79 -33.18 17.46
CA PRO A 366 14.77 -33.11 18.55
C PRO A 366 16.13 -32.60 18.07
N GLU A 367 16.81 -31.86 18.94
CA GLU A 367 18.10 -31.27 18.59
C GLU A 367 19.15 -32.33 18.33
N GLU A 368 19.11 -33.44 19.07
CA GLU A 368 20.13 -34.47 18.91
C GLU A 368 20.10 -35.09 17.52
N ARG A 369 18.98 -34.99 16.82
CA ARG A 369 18.89 -35.46 15.44
C ARG A 369 19.21 -34.35 14.45
N ARG A 370 18.98 -33.09 14.83
CA ARG A 370 19.35 -31.98 13.96
C ARG A 370 20.87 -31.86 13.84
N GLN A 371 21.58 -32.08 14.94
CA GLN A 371 23.02 -31.83 14.95
C GLN A 371 23.81 -32.77 14.05
N VAL A 372 23.20 -33.83 13.54
CA VAL A 372 23.91 -34.76 12.66
C VAL A 372 24.24 -34.10 11.32
N PHE A 373 23.34 -33.25 10.82
CA PHE A 373 23.49 -32.63 9.50
C PHE A 373 23.96 -31.18 9.55
N ARG A 374 24.62 -30.78 10.64
CA ARG A 374 24.96 -29.37 10.84
C ARG A 374 25.90 -28.86 9.76
N GLN A 375 26.94 -29.62 9.44
CA GLN A 375 28.00 -29.13 8.56
C GLN A 375 27.50 -28.85 7.15
N GLU A 376 26.66 -29.74 6.61
CA GLU A 376 26.21 -29.58 5.23
C GLU A 376 25.29 -28.37 5.11
N LEU A 377 24.39 -28.20 6.07
CA LEU A 377 23.48 -27.06 6.05
C LEU A 377 24.26 -25.76 6.18
N GLN A 378 25.27 -25.74 7.06
CA GLN A 378 26.04 -24.52 7.28
C GLN A 378 26.80 -24.15 6.01
N ARG A 379 27.40 -25.13 5.34
CA ARG A 379 28.15 -24.83 4.13
C ARG A 379 27.23 -24.34 3.03
N VAL A 380 26.03 -24.90 2.93
CA VAL A 380 25.09 -24.46 1.90
C VAL A 380 24.70 -23.00 2.14
N GLY A 381 24.43 -22.65 3.40
CA GLY A 381 24.06 -21.28 3.68
C GLY A 381 25.18 -20.29 3.43
N VAL A 382 26.42 -20.68 3.78
CA VAL A 382 27.56 -19.79 3.56
C VAL A 382 27.74 -19.53 2.06
N GLU A 383 27.64 -20.59 1.24
CA GLU A 383 27.87 -20.40 -0.18
C GLU A 383 26.75 -19.59 -0.82
N GLY A 384 25.50 -19.79 -0.39
CA GLY A 384 24.42 -19.00 -0.94
C GLY A 384 24.54 -17.53 -0.61
N ALA A 385 24.96 -17.22 0.62
CA ALA A 385 25.09 -15.81 0.99
C ALA A 385 26.25 -15.16 0.26
N LYS A 386 27.34 -15.90 0.03
CA LYS A 386 28.46 -15.34 -0.72
C LYS A 386 28.06 -15.06 -2.17
N LEU A 387 27.28 -15.95 -2.78
CA LEU A 387 26.84 -15.72 -4.15
C LEU A 387 25.93 -14.50 -4.25
N LEU A 388 25.00 -14.35 -3.30
CA LEU A 388 24.10 -13.21 -3.35
C LEU A 388 24.84 -11.90 -3.16
N ARG A 389 25.84 -11.88 -2.26
CA ARG A 389 26.58 -10.64 -2.06
C ARG A 389 27.48 -10.33 -3.25
N GLU A 390 27.94 -11.34 -3.97
CA GLU A 390 28.72 -11.07 -5.18
C GLU A 390 27.86 -10.46 -6.27
N LEU A 391 26.63 -10.97 -6.43
CA LEU A 391 25.75 -10.37 -7.44
C LEU A 391 25.36 -8.95 -7.07
N GLY A 392 25.15 -8.69 -5.77
CA GLY A 392 24.86 -7.33 -5.36
C GLY A 392 26.01 -6.37 -5.60
N GLU A 393 27.24 -6.83 -5.33
CA GLU A 393 28.40 -5.98 -5.56
C GLU A 393 28.64 -5.73 -7.04
N LYS A 394 28.29 -6.68 -7.91
CA LYS A 394 28.45 -6.43 -9.34
C LYS A 394 27.34 -5.55 -9.90
N VAL A 395 26.14 -5.62 -9.34
CA VAL A 395 25.10 -4.67 -9.75
C VAL A 395 25.48 -3.25 -9.32
N LYS A 396 26.03 -3.09 -8.11
CA LYS A 396 26.34 -1.75 -7.62
C LYS A 396 27.40 -1.06 -8.47
N LYS A 397 28.43 -1.80 -8.89
CA LYS A 397 29.54 -1.21 -9.65
C LYS A 397 29.26 -1.11 -11.14
N MET A 398 28.17 -1.72 -11.64
CA MET A 398 27.86 -1.72 -13.07
C MET A 398 28.98 -2.39 -13.86
N GLU A 399 29.17 -3.68 -13.60
CA GLU A 399 30.25 -4.46 -14.20
C GLU A 399 29.71 -5.80 -14.70
N LYS A 400 30.36 -6.33 -15.73
CA LYS A 400 29.93 -7.59 -16.31
C LYS A 400 30.51 -8.78 -15.56
N LEU A 401 29.86 -9.93 -15.71
CA LEU A 401 30.33 -11.16 -15.08
C LEU A 401 31.61 -11.64 -15.71
N GLY A 402 32.48 -12.24 -14.89
CA GLY A 402 33.73 -12.77 -15.36
C GLY A 402 33.56 -14.08 -16.09
N PRO A 403 34.68 -14.65 -16.54
CA PRO A 403 34.63 -15.93 -17.27
C PRO A 403 34.45 -17.14 -16.39
N VAL A 404 34.62 -17.02 -15.07
CA VAL A 404 34.53 -18.16 -14.15
C VAL A 404 33.07 -18.53 -13.96
N ASP A 405 32.83 -19.71 -13.38
CA ASP A 405 31.49 -20.20 -13.10
C ASP A 405 31.13 -19.89 -11.65
N LEU A 406 30.02 -19.16 -11.47
CA LEU A 406 29.65 -18.67 -10.15
C LEU A 406 28.94 -19.72 -9.30
N LEU A 407 28.26 -20.67 -9.93
CA LEU A 407 27.38 -21.61 -9.23
C LEU A 407 28.03 -22.93 -8.89
N PHE A 408 29.32 -23.11 -9.17
CA PHE A 408 29.96 -24.41 -8.96
C PHE A 408 29.98 -24.81 -7.49
N GLU A 409 30.35 -23.88 -6.62
CA GLU A 409 30.55 -24.22 -5.22
C GLU A 409 29.25 -24.61 -4.53
N VAL A 410 28.19 -23.82 -4.75
CA VAL A 410 26.92 -24.10 -4.09
C VAL A 410 26.32 -25.39 -4.62
N HIS A 411 26.47 -25.67 -5.92
CA HIS A 411 25.99 -26.93 -6.47
C HIS A 411 26.72 -28.12 -5.85
N LEU A 412 28.02 -27.96 -5.59
CA LEU A 412 28.77 -29.05 -4.99
C LEU A 412 28.36 -29.24 -3.54
N ALA A 413 28.12 -28.14 -2.81
CA ALA A 413 27.66 -28.26 -1.43
C ALA A 413 26.30 -28.95 -1.36
N ALA A 414 25.40 -28.61 -2.29
CA ALA A 414 24.08 -29.26 -2.31
C ALA A 414 24.20 -30.74 -2.62
N GLU A 415 25.11 -31.12 -3.53
CA GLU A 415 25.30 -32.54 -3.80
C GLU A 415 25.82 -33.28 -2.57
N GLU A 416 26.73 -32.66 -1.82
CA GLU A 416 27.20 -33.27 -0.58
C GLU A 416 26.07 -33.43 0.42
N LEU A 417 25.21 -32.41 0.54
CA LEU A 417 24.07 -32.51 1.46
C LEU A 417 23.15 -33.66 1.06
N GLN A 418 22.90 -33.81 -0.24
CA GLN A 418 22.03 -34.90 -0.70
C GLN A 418 22.64 -36.25 -0.36
N HIS A 419 23.94 -36.41 -0.56
CA HIS A 419 24.58 -37.68 -0.23
C HIS A 419 24.47 -37.97 1.27
N LYS A 420 24.68 -36.93 2.10
CA LYS A 420 24.56 -37.13 3.54
C LYS A 420 23.15 -37.56 3.93
N ILE A 421 22.13 -36.93 3.34
CA ILE A 421 20.75 -37.32 3.64
C ILE A 421 20.52 -38.75 3.21
N ASP A 422 21.10 -39.16 2.08
CA ASP A 422 20.93 -40.53 1.62
C ASP A 422 21.53 -41.53 2.60
N LYS A 423 22.68 -41.20 3.19
CA LYS A 423 23.34 -42.17 4.06
C LYS A 423 22.59 -42.38 5.38
N LYS A 424 22.12 -41.30 6.01
CA LYS A 424 21.48 -41.36 7.32
C LYS A 424 19.97 -41.25 7.25
N SER A 425 19.35 -41.79 6.20
CA SER A 425 17.91 -41.64 6.02
C SER A 425 17.10 -42.43 7.04
N TYR A 426 17.70 -43.38 7.77
CA TYR A 426 16.94 -44.17 8.73
C TYR A 426 16.52 -43.37 9.95
N LEU A 427 17.04 -42.17 10.15
CA LEU A 427 16.63 -41.32 11.26
C LEU A 427 15.41 -40.46 10.93
N LEU A 428 14.89 -40.55 9.71
CA LEU A 428 13.75 -39.75 9.30
C LEU A 428 12.44 -40.53 9.26
N VAL A 429 12.52 -41.84 9.04
CA VAL A 429 11.35 -42.71 9.01
C VAL A 429 11.58 -43.87 9.98
N ASN A 430 10.60 -44.76 10.07
CA ASN A 430 10.68 -45.95 10.90
C ASN A 430 10.43 -47.18 10.05
N SER A 431 11.30 -48.16 10.15
CA SER A 431 11.19 -49.40 9.38
C SER A 431 10.51 -50.51 10.16
N GLU A 432 10.10 -50.27 11.41
CA GLU A 432 9.46 -51.31 12.19
C GLU A 432 8.12 -51.71 11.60
N CYS A 433 7.34 -50.74 11.13
CA CYS A 433 5.99 -50.99 10.64
C CYS A 433 5.90 -51.04 9.12
N TRP A 434 7.03 -51.14 8.43
CA TRP A 434 7.01 -51.16 6.97
C TRP A 434 6.17 -52.31 6.45
N GLU A 435 5.33 -52.02 5.46
CA GLU A 435 4.48 -53.03 4.85
C GLU A 435 3.66 -52.43 3.70
N LYS A 527 4.08 -43.65 18.54
CA LYS A 527 3.47 -42.35 18.79
C LYS A 527 3.41 -41.51 17.52
N THR A 528 2.23 -40.96 17.24
CA THR A 528 2.06 -40.14 16.04
C THR A 528 2.93 -38.90 16.09
N TYR A 529 3.02 -38.25 17.26
CA TYR A 529 3.77 -37.00 17.33
C TYR A 529 5.25 -37.23 17.07
N GLU A 530 5.83 -38.30 17.62
CA GLU A 530 7.26 -38.50 17.41
C GLU A 530 7.55 -38.78 15.95
N SER A 531 6.62 -39.46 15.25
CA SER A 531 6.80 -39.72 13.83
C SER A 531 6.72 -38.42 13.04
N ALA A 532 5.78 -37.55 13.38
CA ALA A 532 5.70 -36.27 12.68
C ALA A 532 6.94 -35.42 12.95
N SER A 533 7.43 -35.45 14.19
CA SER A 533 8.62 -34.69 14.54
C SER A 533 9.83 -35.17 13.76
N ALA A 534 9.96 -36.49 13.61
CA ALA A 534 11.06 -37.03 12.80
C ALA A 534 10.90 -36.64 11.34
N LEU A 535 9.68 -36.71 10.81
CA LEU A 535 9.46 -36.38 9.41
C LEU A 535 9.56 -34.88 9.12
N SER A 536 9.57 -34.04 10.15
CA SER A 536 9.67 -32.60 9.93
C SER A 536 11.11 -32.13 9.71
N LEU A 537 12.10 -32.98 9.94
CA LEU A 537 13.49 -32.60 9.69
C LEU A 537 13.84 -32.62 8.22
N ALA A 538 13.18 -33.46 7.42
CA ALA A 538 13.46 -33.53 5.98
C ALA A 538 12.89 -32.37 5.20
N THR A 539 11.88 -31.68 5.74
CA THR A 539 11.27 -30.56 5.01
C THR A 539 12.23 -29.38 4.93
N PHE A 540 13.00 -29.15 6.00
CA PHE A 540 13.97 -28.06 6.01
C PHE A 540 15.04 -28.27 4.95
N ALA A 541 15.53 -29.51 4.82
CA ALA A 541 16.56 -29.81 3.83
C ALA A 541 16.00 -29.79 2.41
N SER A 542 14.75 -30.22 2.22
CA SER A 542 14.18 -30.18 0.89
C SER A 542 13.92 -28.74 0.45
N LEU A 543 13.58 -27.87 1.39
CA LEU A 543 13.39 -26.46 1.04
C LEU A 543 14.72 -25.78 0.77
N LEU A 544 15.79 -26.21 1.44
CA LEU A 544 17.10 -25.64 1.15
C LEU A 544 17.58 -26.08 -0.23
N ILE A 545 17.30 -27.33 -0.62
CA ILE A 545 17.67 -27.78 -1.95
C ILE A 545 16.87 -27.03 -3.02
N GLU A 546 15.60 -26.73 -2.74
CA GLU A 546 14.83 -25.95 -3.72
C GLU A 546 15.35 -24.52 -3.82
N PHE A 547 15.80 -23.95 -2.70
CA PHE A 547 16.41 -22.62 -2.75
C PHE A 547 17.65 -22.64 -3.63
N VAL A 548 18.48 -23.67 -3.48
CA VAL A 548 19.68 -23.74 -4.32
C VAL A 548 19.30 -23.91 -5.78
N ALA A 549 18.24 -24.67 -6.05
CA ALA A 549 17.83 -24.90 -7.44
C ALA A 549 17.25 -23.67 -8.11
N ARG A 550 16.77 -22.68 -7.34
CA ARG A 550 16.14 -21.51 -7.96
C ARG A 550 17.09 -20.38 -8.36
N LEU A 551 18.41 -20.50 -8.12
CA LEU A 551 19.33 -19.38 -8.35
C LEU A 551 19.72 -19.16 -9.82
N GLN A 552 19.49 -20.14 -10.69
CA GLN A 552 19.94 -20.02 -12.07
C GLN A 552 19.11 -19.00 -12.83
N ASN A 553 17.83 -18.85 -12.46
CA ASN A 553 17.00 -17.83 -13.09
C ASN A 553 17.51 -16.43 -12.78
N VAL A 554 17.98 -16.23 -11.54
CA VAL A 554 18.52 -14.92 -11.17
C VAL A 554 19.81 -14.65 -11.93
N VAL A 555 20.64 -15.67 -12.12
CA VAL A 555 21.87 -15.44 -12.87
C VAL A 555 21.55 -15.12 -14.33
N ASP A 556 20.52 -15.76 -14.90
CA ASP A 556 20.17 -15.49 -16.29
C ASP A 556 19.59 -14.08 -16.45
N ALA A 557 18.75 -13.65 -15.49
CA ALA A 557 18.21 -12.30 -15.59
C ALA A 557 19.30 -11.25 -15.42
N PHE A 558 20.30 -11.53 -14.58
CA PHE A 558 21.41 -10.59 -14.45
C PHE A 558 22.19 -10.50 -15.76
N LYS A 559 22.42 -11.63 -16.44
CA LYS A 559 23.12 -11.53 -17.71
C LYS A 559 22.32 -10.75 -18.74
N GLU A 560 21.00 -10.92 -18.75
CA GLU A 560 20.18 -10.17 -19.69
C GLU A 560 20.29 -8.67 -19.42
N LEU A 561 20.24 -8.26 -18.15
CA LEU A 561 20.38 -6.84 -17.83
C LEU A 561 21.78 -6.34 -18.12
N SER A 562 22.79 -7.21 -17.99
CA SER A 562 24.16 -6.82 -18.26
C SER A 562 24.38 -6.57 -19.75
N GLN A 563 23.63 -7.26 -20.61
CA GLN A 563 23.79 -6.99 -22.04
C GLN A 563 22.90 -5.86 -22.53
N LYS A 564 21.65 -5.77 -22.07
CA LYS A 564 20.78 -4.69 -22.54
C LYS A 564 21.37 -3.32 -22.20
N ALA A 565 21.90 -3.15 -20.99
CA ALA A 565 22.62 -1.94 -20.61
C ALA A 565 24.11 -2.23 -20.62
N ASN A 566 24.86 -1.37 -21.30
CA ASN A 566 26.26 -1.68 -21.55
C ASN A 566 27.09 -1.60 -20.27
N PHE A 567 27.22 -2.73 -19.58
CA PHE A 567 28.03 -2.81 -18.38
C PHE A 567 29.50 -2.94 -18.75
N LYS A 568 30.36 -2.32 -17.95
CA LYS A 568 31.79 -2.33 -18.22
C LYS A 568 32.37 -3.73 -18.04
N GLU A 569 33.34 -4.07 -18.88
CA GLU A 569 34.01 -5.36 -18.75
C GLU A 569 34.85 -5.37 -17.47
N PRO A 570 34.97 -6.53 -16.81
CA PRO A 570 35.73 -6.58 -15.55
C PRO A 570 37.20 -6.23 -15.79
N GLU A 571 37.79 -5.61 -14.78
CA GLU A 571 39.20 -5.23 -14.85
C GLU A 571 40.10 -6.45 -15.06
N ALA B 77 -17.79 1.63 -15.51
CA ALA B 77 -18.54 0.98 -16.58
C ALA B 77 -19.87 0.45 -16.07
N TRP B 78 -20.74 0.05 -16.99
CA TRP B 78 -22.05 -0.47 -16.61
C TRP B 78 -21.91 -1.75 -15.78
N GLU B 79 -20.98 -2.62 -16.15
CA GLU B 79 -20.75 -3.83 -15.36
C GLU B 79 -20.27 -3.49 -13.96
N MET B 80 -19.36 -2.52 -13.85
CA MET B 80 -18.89 -2.09 -12.53
C MET B 80 -20.03 -1.54 -11.70
N GLY B 81 -20.91 -0.73 -12.31
CA GLY B 81 -22.02 -0.19 -11.56
C GLY B 81 -23.00 -1.26 -11.10
N VAL B 82 -23.38 -2.16 -12.01
CA VAL B 82 -24.35 -3.19 -11.67
C VAL B 82 -23.79 -4.11 -10.60
N SER B 83 -22.50 -4.43 -10.68
CA SER B 83 -21.90 -5.32 -9.69
C SER B 83 -21.95 -4.70 -8.29
N ASP B 84 -21.66 -3.40 -8.18
CA ASP B 84 -21.63 -2.70 -6.90
C ASP B 84 -22.45 -1.42 -7.00
N PRO B 85 -23.73 -1.46 -6.62
CA PRO B 85 -24.57 -0.26 -6.66
C PRO B 85 -24.33 0.73 -5.52
N ARG B 86 -23.38 0.45 -4.61
CA ARG B 86 -23.04 1.40 -3.57
C ARG B 86 -22.36 2.66 -4.14
N LYS B 87 -21.51 2.46 -5.14
CA LYS B 87 -20.78 3.58 -5.75
C LYS B 87 -21.74 4.54 -6.46
N ILE B 88 -22.79 4.02 -7.08
CA ILE B 88 -23.75 4.88 -7.74
C ILE B 88 -24.47 5.77 -6.73
N VAL B 89 -24.78 5.22 -5.56
CA VAL B 89 -25.42 6.01 -4.52
C VAL B 89 -24.48 7.08 -4.00
N PHE B 90 -23.21 6.72 -3.80
CA PHE B 90 -22.23 7.71 -3.32
C PHE B 90 -22.08 8.86 -4.32
N SER B 91 -22.01 8.54 -5.62
CA SER B 91 -21.84 9.57 -6.63
C SER B 91 -23.07 10.47 -6.72
N ALA B 92 -24.27 9.89 -6.58
CA ALA B 92 -25.47 10.72 -6.63
C ALA B 92 -25.60 11.56 -5.37
N LYS B 93 -25.05 11.11 -4.26
CA LYS B 93 -25.10 11.91 -3.04
C LYS B 93 -24.17 13.12 -3.15
N ILE B 94 -22.98 12.92 -3.69
CA ILE B 94 -22.07 14.06 -3.88
C ILE B 94 -22.66 15.05 -4.88
N GLY B 95 -23.25 14.54 -5.97
CA GLY B 95 -23.87 15.44 -6.93
C GLY B 95 -25.06 16.18 -6.35
N LEU B 96 -25.75 15.59 -5.37
CA LEU B 96 -26.88 16.27 -4.77
C LEU B 96 -26.43 17.34 -3.79
N ALA B 97 -25.35 17.09 -3.05
CA ALA B 97 -24.83 18.15 -2.18
C ALA B 97 -24.35 19.34 -2.99
N LEU B 98 -23.67 19.07 -4.12
CA LEU B 98 -23.23 20.18 -4.96
C LEU B 98 -24.43 20.91 -5.57
N THR B 99 -25.48 20.18 -5.94
CA THR B 99 -26.66 20.83 -6.50
C THR B 99 -27.34 21.72 -5.48
N ILE B 100 -27.40 21.29 -4.22
CA ILE B 100 -28.05 22.10 -3.20
C ILE B 100 -27.28 23.40 -2.98
N VAL B 101 -25.95 23.30 -2.82
CA VAL B 101 -25.17 24.52 -2.61
C VAL B 101 -25.29 25.44 -3.83
N ALA B 102 -25.30 24.87 -5.04
CA ALA B 102 -25.43 25.68 -6.23
C ALA B 102 -26.77 26.42 -6.25
N LEU B 103 -27.86 25.72 -5.95
CA LEU B 103 -29.16 26.37 -5.96
C LEU B 103 -29.22 27.49 -4.93
N LEU B 104 -28.67 27.27 -3.74
CA LEU B 104 -28.66 28.36 -2.77
C LEU B 104 -27.90 29.57 -3.29
N ILE B 105 -26.74 29.34 -3.91
CA ILE B 105 -25.95 30.47 -4.37
C ILE B 105 -26.61 31.17 -5.56
N PHE B 106 -27.34 30.43 -6.39
CA PHE B 106 -28.06 31.06 -7.48
C PHE B 106 -29.23 31.89 -6.97
N TYR B 107 -30.03 31.32 -6.07
CA TYR B 107 -31.14 32.04 -5.45
C TYR B 107 -30.77 32.40 -4.02
N GLN B 108 -29.76 33.25 -3.89
CA GLN B 108 -29.37 33.87 -2.62
C GLN B 108 -29.61 35.37 -2.72
N GLU B 109 -29.45 36.05 -1.59
CA GLU B 109 -29.60 37.49 -1.60
C GLU B 109 -28.63 38.11 -2.58
N PRO B 110 -29.06 39.11 -3.37
CA PRO B 110 -28.18 39.66 -4.41
C PRO B 110 -27.15 40.63 -3.87
N ASN B 111 -26.86 40.53 -2.57
CA ASN B 111 -25.90 41.42 -1.91
C ASN B 111 -24.58 41.42 -2.68
N PRO B 112 -23.81 42.50 -2.61
CA PRO B 112 -22.52 42.53 -3.31
C PRO B 112 -21.57 41.50 -2.70
N ASP B 113 -20.53 41.19 -3.47
CA ASP B 113 -19.48 40.24 -3.11
C ASP B 113 -19.98 38.81 -3.23
N LEU B 114 -21.15 38.60 -3.85
CA LEU B 114 -21.72 37.26 -3.93
C LEU B 114 -20.77 36.29 -4.61
N SER B 115 -20.27 36.64 -5.79
CA SER B 115 -19.40 35.73 -6.52
C SER B 115 -18.08 35.48 -5.79
N ARG B 116 -17.82 36.20 -4.71
CA ARG B 116 -16.60 36.06 -3.93
C ARG B 116 -16.71 34.94 -2.89
N TYR B 117 -17.77 34.98 -2.09
CA TYR B 117 -17.98 34.02 -1.01
C TYR B 117 -18.90 32.87 -1.40
N SER B 118 -19.49 32.91 -2.58
CA SER B 118 -20.33 31.79 -3.03
C SER B 118 -19.53 30.53 -3.27
N VAL B 119 -18.36 30.66 -3.93
CA VAL B 119 -17.59 29.48 -4.34
C VAL B 119 -16.97 28.73 -3.16
N TRP B 120 -16.81 29.37 -2.00
CA TRP B 120 -16.08 28.74 -0.91
C TRP B 120 -16.80 27.49 -0.41
N ALA B 121 -18.14 27.56 -0.31
CA ALA B 121 -18.90 26.41 0.17
C ALA B 121 -18.90 25.28 -0.85
N ILE B 122 -19.17 25.62 -2.12
CA ILE B 122 -19.20 24.61 -3.17
C ILE B 122 -17.84 23.99 -3.36
N LEU B 123 -16.78 24.63 -2.87
CA LEU B 123 -15.45 24.08 -3.00
C LEU B 123 -14.98 23.35 -1.75
N THR B 124 -15.61 23.59 -0.60
CA THR B 124 -15.31 22.78 0.58
C THR B 124 -16.13 21.50 0.61
N VAL B 125 -17.24 21.47 -0.13
CA VAL B 125 -17.99 20.22 -0.25
C VAL B 125 -17.16 19.17 -0.96
N VAL B 126 -16.49 19.56 -2.05
CA VAL B 126 -15.64 18.64 -2.80
C VAL B 126 -14.44 18.16 -2.00
N VAL B 127 -14.13 18.82 -0.88
CA VAL B 127 -12.94 18.49 -0.11
C VAL B 127 -13.25 17.69 1.16
N VAL B 128 -14.48 17.76 1.68
CA VAL B 128 -14.78 17.09 2.95
C VAL B 128 -15.71 15.89 2.79
N PHE B 129 -16.18 15.59 1.59
CA PHE B 129 -17.11 14.48 1.36
C PHE B 129 -16.33 13.18 1.19
N GLU B 130 -16.33 12.34 2.23
CA GLU B 130 -15.59 11.08 2.24
C GLU B 130 -16.53 9.88 2.15
N PHE B 131 -15.94 8.72 1.86
CA PHE B 131 -16.71 7.50 1.62
C PHE B 131 -17.45 7.04 2.88
N THR B 132 -16.80 7.09 4.03
CA THR B 132 -17.36 6.61 5.28
C THR B 132 -17.62 7.77 6.23
N ILE B 133 -18.49 7.53 7.21
CA ILE B 133 -18.82 8.56 8.19
C ILE B 133 -17.64 8.83 9.13
N GLY B 134 -16.91 7.78 9.49
CA GLY B 134 -15.81 7.96 10.43
C GLY B 134 -14.60 8.62 9.84
N ALA B 135 -14.34 8.37 8.55
CA ALA B 135 -13.25 9.08 7.89
C ALA B 135 -13.62 10.54 7.68
N THR B 136 -14.89 10.82 7.42
CA THR B 136 -15.32 12.20 7.30
C THR B 136 -15.12 12.93 8.63
N LEU B 137 -15.47 12.28 9.74
CA LEU B 137 -15.34 12.97 11.02
C LEU B 137 -13.88 13.17 11.41
N SER B 138 -13.03 12.15 11.18
CA SER B 138 -11.64 12.28 11.58
C SER B 138 -10.90 13.30 10.70
N LYS B 139 -11.13 13.27 9.40
CA LYS B 139 -10.43 14.19 8.52
C LYS B 139 -10.94 15.62 8.69
N GLY B 140 -12.23 15.80 9.02
CA GLY B 140 -12.67 17.15 9.28
C GLY B 140 -12.25 17.68 10.63
N PHE B 141 -11.90 16.79 11.55
CA PHE B 141 -11.38 17.27 12.81
C PHE B 141 -9.92 17.70 12.67
N ASN B 142 -9.15 16.93 11.90
CA ASN B 142 -7.75 17.31 11.73
C ASN B 142 -7.62 18.55 10.85
N ARG B 143 -8.52 18.70 9.87
CA ARG B 143 -8.48 19.89 9.03
C ARG B 143 -8.91 21.13 9.79
N ALA B 144 -9.90 21.00 10.69
CA ALA B 144 -10.28 22.15 11.50
C ALA B 144 -9.17 22.55 12.46
N LEU B 145 -8.47 21.57 13.04
CA LEU B 145 -7.35 21.90 13.92
C LEU B 145 -6.27 22.64 13.15
N GLY B 146 -5.91 22.14 11.96
CA GLY B 146 -4.84 22.80 11.22
C GLY B 146 -5.21 24.20 10.80
N THR B 147 -6.47 24.41 10.39
CA THR B 147 -6.86 25.72 9.92
C THR B 147 -6.95 26.73 11.06
N LEU B 148 -7.46 26.30 12.22
CA LEU B 148 -7.58 27.25 13.33
C LEU B 148 -6.21 27.62 13.88
N SER B 149 -5.30 26.66 13.96
CA SER B 149 -3.97 27.00 14.47
C SER B 149 -3.19 27.85 13.49
N ALA B 150 -3.33 27.59 12.18
CA ALA B 150 -2.63 28.41 11.20
C ALA B 150 -3.17 29.83 11.18
N GLY B 151 -4.48 30.00 11.36
CA GLY B 151 -5.04 31.34 11.38
C GLY B 151 -4.67 32.12 12.63
N GLY B 152 -4.61 31.44 13.78
CA GLY B 152 -4.18 32.13 14.97
C GLY B 152 -2.74 32.57 14.91
N LEU B 153 -1.86 31.69 14.38
CA LEU B 153 -0.46 32.07 14.26
C LEU B 153 -0.28 33.18 13.24
N ALA B 154 -1.01 33.13 12.12
CA ALA B 154 -0.88 34.18 11.12
C ALA B 154 -1.31 35.53 11.67
N LEU B 155 -2.42 35.56 12.42
CA LEU B 155 -2.85 36.84 12.98
C LEU B 155 -1.85 37.36 14.01
N GLY B 156 -1.30 36.47 14.85
CA GLY B 156 -0.32 36.91 15.82
C GLY B 156 0.94 37.45 15.18
N MET B 157 1.37 36.82 14.07
CA MET B 157 2.55 37.31 13.39
C MET B 157 2.28 38.62 12.66
N ALA B 158 1.08 38.78 12.11
CA ALA B 158 0.73 40.04 11.47
C ALA B 158 0.75 41.18 12.49
N GLU B 159 0.23 40.93 13.69
CA GLU B 159 0.29 41.97 14.71
C GLU B 159 1.74 42.23 15.14
N LEU B 160 2.54 41.18 15.31
CA LEU B 160 3.90 41.36 15.77
C LEU B 160 4.77 42.09 14.75
N SER B 161 4.44 41.99 13.47
CA SER B 161 5.27 42.63 12.45
C SER B 161 5.31 44.15 12.61
N THR B 162 4.29 44.75 13.22
CA THR B 162 4.21 46.20 13.29
C THR B 162 5.37 46.79 14.09
N LEU B 163 5.95 46.03 15.00
CA LEU B 163 7.07 46.54 15.79
C LEU B 163 8.23 46.92 14.90
N PHE B 164 8.54 46.09 13.90
CA PHE B 164 9.59 46.40 12.92
C PHE B 164 8.99 47.30 11.84
N GLY B 165 8.71 48.54 12.23
CA GLY B 165 8.08 49.47 11.31
C GLY B 165 8.92 49.71 10.07
N ASP B 166 10.23 49.91 10.25
CA ASP B 166 11.10 50.14 9.10
C ASP B 166 11.16 48.90 8.20
N TRP B 167 11.26 47.71 8.81
CA TRP B 167 11.40 46.46 8.08
C TRP B 167 10.12 45.64 8.28
N GLU B 168 9.19 45.76 7.34
CA GLU B 168 7.92 45.04 7.40
C GLU B 168 7.91 43.83 6.47
N GLU B 169 8.17 44.07 5.18
CA GLU B 169 8.17 42.98 4.21
C GLU B 169 9.29 41.99 4.47
N ILE B 170 10.42 42.47 4.99
CA ILE B 170 11.54 41.58 5.29
C ILE B 170 11.15 40.63 6.41
N PHE B 171 10.54 41.16 7.47
CA PHE B 171 10.11 40.32 8.59
C PHE B 171 9.05 39.32 8.15
N CYS B 172 8.09 39.77 7.34
CA CYS B 172 7.05 38.87 6.87
C CYS B 172 7.63 37.75 6.02
N THR B 173 8.56 38.08 5.13
CA THR B 173 9.20 37.07 4.29
C THR B 173 10.01 36.07 5.12
N LEU B 174 10.78 36.56 6.09
CA LEU B 174 11.55 35.64 6.90
C LEU B 174 10.65 34.74 7.76
N SER B 175 9.46 35.22 8.08
CA SER B 175 8.51 34.36 8.79
C SER B 175 7.93 33.31 7.86
N ILE B 176 7.71 33.67 6.59
CA ILE B 176 7.21 32.68 5.65
C ILE B 176 8.26 31.62 5.39
N PHE B 177 9.54 32.01 5.38
CA PHE B 177 10.60 31.03 5.18
C PHE B 177 10.70 30.08 6.37
N CYS B 178 10.67 30.62 7.59
CA CYS B 178 10.81 29.76 8.76
C CYS B 178 9.61 28.81 8.89
N ILE B 179 8.40 29.31 8.64
CA ILE B 179 7.23 28.45 8.76
C ILE B 179 7.22 27.37 7.69
N GLY B 180 7.60 27.72 6.45
CA GLY B 180 7.64 26.70 5.42
C GLY B 180 8.67 25.64 5.71
N PHE B 181 9.82 26.03 6.27
CA PHE B 181 10.84 25.06 6.61
C PHE B 181 10.35 24.13 7.72
N LEU B 182 9.73 24.70 8.76
CA LEU B 182 9.32 23.88 9.89
C LEU B 182 8.22 22.90 9.51
N ALA B 183 7.20 23.37 8.79
CA ALA B 183 6.12 22.47 8.40
C ALA B 183 6.61 21.38 7.46
N THR B 184 7.48 21.73 6.49
CA THR B 184 7.98 20.72 5.57
C THR B 184 8.89 19.72 6.27
N PHE B 185 9.59 20.14 7.33
CA PHE B 185 10.44 19.21 8.06
C PHE B 185 9.62 18.30 8.95
N MET B 186 8.54 18.82 9.54
CA MET B 186 7.73 18.00 10.44
C MET B 186 6.88 17.00 9.69
N LYS B 187 6.43 17.33 8.46
CA LYS B 187 5.62 16.36 7.75
C LYS B 187 6.41 15.12 7.31
N LEU B 188 7.74 15.18 7.31
CA LEU B 188 8.56 14.07 6.85
C LEU B 188 8.91 13.06 7.94
N TYR B 189 8.42 13.23 9.16
CA TYR B 189 8.69 12.27 10.21
C TYR B 189 8.08 10.91 9.83
N PRO B 190 8.76 9.80 10.14
CA PRO B 190 8.17 8.48 9.85
C PRO B 190 6.83 8.25 10.53
N SER B 191 6.62 8.86 11.69
CA SER B 191 5.39 8.64 12.47
C SER B 191 4.26 9.59 12.08
N MET B 192 4.45 10.43 11.08
CA MET B 192 3.44 11.39 10.66
C MET B 192 3.22 11.36 9.15
N LYS B 193 3.52 10.23 8.51
CA LYS B 193 3.33 10.11 7.07
C LYS B 193 1.86 10.04 6.67
N ALA B 194 0.94 9.88 7.63
CA ALA B 194 -0.48 9.79 7.31
C ALA B 194 -1.20 11.12 7.34
N TYR B 195 -0.75 12.06 8.17
CA TYR B 195 -1.45 13.32 8.42
C TYR B 195 -0.90 14.47 7.58
N GLU B 196 -0.43 14.20 6.37
CA GLU B 196 0.13 15.26 5.54
C GLU B 196 -0.96 16.22 5.07
N TYR B 197 -2.20 15.74 4.94
CA TYR B 197 -3.29 16.56 4.44
C TYR B 197 -3.62 17.71 5.37
N GLY B 198 -3.19 17.65 6.63
CA GLY B 198 -3.44 18.75 7.55
C GLY B 198 -2.28 19.71 7.58
N PHE B 199 -1.09 19.23 7.22
CA PHE B 199 0.07 20.10 7.13
C PHE B 199 -0.02 20.96 5.87
N ARG B 200 -0.62 20.41 4.82
CA ARG B 200 -0.81 21.20 3.61
C ARG B 200 -1.82 22.32 3.84
N VAL B 201 -2.92 22.03 4.54
CA VAL B 201 -3.90 23.07 4.84
C VAL B 201 -3.33 24.08 5.82
N PHE B 202 -2.42 23.65 6.69
CA PHE B 202 -1.76 24.59 7.60
C PHE B 202 -0.91 25.59 6.81
N LEU B 203 -0.10 25.09 5.88
CA LEU B 203 0.75 25.98 5.09
C LEU B 203 -0.07 26.88 4.19
N LEU B 204 -1.17 26.36 3.63
CA LEU B 204 -2.02 27.18 2.78
C LEU B 204 -2.71 28.28 3.57
N THR B 205 -3.24 27.97 4.75
CA THR B 205 -3.91 28.99 5.54
C THR B 205 -2.94 30.08 5.96
N TYR B 206 -1.73 29.69 6.38
CA TYR B 206 -0.78 30.71 6.82
C TYR B 206 -0.35 31.61 5.67
N CYS B 207 -0.09 31.02 4.49
CA CYS B 207 0.37 31.86 3.39
C CYS B 207 -0.75 32.74 2.85
N TYR B 208 -1.98 32.20 2.77
CA TYR B 208 -3.08 33.02 2.27
C TYR B 208 -3.37 34.19 3.20
N ILE B 209 -3.37 33.95 4.52
CA ILE B 209 -3.71 35.02 5.43
C ILE B 209 -2.59 36.05 5.50
N LEU B 210 -1.33 35.61 5.42
CA LEU B 210 -0.24 36.58 5.44
C LEU B 210 -0.18 37.41 4.16
N ILE B 211 -0.52 36.84 3.01
CA ILE B 211 -0.41 37.58 1.76
C ILE B 211 -1.66 38.38 1.41
N SER B 212 -2.83 38.03 1.95
CA SER B 212 -4.07 38.73 1.65
C SER B 212 -4.45 39.72 2.74
N GLY B 213 -3.51 40.11 3.60
CA GLY B 213 -3.76 41.11 4.60
C GLY B 213 -2.62 42.11 4.74
N PHE B 214 -2.13 42.63 3.62
CA PHE B 214 -0.95 43.49 3.63
C PHE B 214 -1.18 44.84 2.98
N ARG B 215 -1.86 44.89 1.83
CA ARG B 215 -2.04 46.14 1.11
C ARG B 215 -3.17 46.98 1.69
N THR B 216 -3.96 46.44 2.62
CA THR B 216 -5.07 47.14 3.23
C THR B 216 -4.98 47.24 4.74
N GLY B 217 -4.54 46.17 5.40
CA GLY B 217 -4.50 46.14 6.85
C GLY B 217 -5.84 45.73 7.42
N GLN B 218 -5.86 45.53 8.74
CA GLN B 218 -7.09 45.19 9.45
C GLN B 218 -7.87 44.11 8.70
N PHE B 219 -7.17 43.03 8.35
CA PHE B 219 -7.75 41.90 7.65
C PHE B 219 -8.22 40.93 8.71
N ILE B 220 -9.43 41.16 9.23
CA ILE B 220 -10.00 40.28 10.26
C ILE B 220 -11.42 39.86 9.93
N GLU B 221 -12.32 40.85 9.75
CA GLU B 221 -13.73 40.52 9.50
C GLU B 221 -13.89 39.61 8.29
N VAL B 222 -12.98 39.68 7.33
CA VAL B 222 -13.10 38.82 6.16
C VAL B 222 -12.67 37.41 6.48
N ALA B 223 -11.60 37.25 7.26
CA ALA B 223 -11.19 35.92 7.68
C ALA B 223 -12.16 35.31 8.67
N ILE B 224 -13.01 36.13 9.30
CA ILE B 224 -14.08 35.63 10.16
C ILE B 224 -15.38 35.45 9.39
N SER B 225 -15.44 35.91 8.15
CA SER B 225 -16.60 35.67 7.29
C SER B 225 -16.40 34.49 6.35
N ARG B 226 -15.17 34.24 5.91
CA ARG B 226 -14.91 33.10 5.04
C ARG B 226 -15.16 31.78 5.77
N PHE B 227 -14.97 31.77 7.09
CA PHE B 227 -15.11 30.54 7.85
C PHE B 227 -16.56 30.22 8.15
N LEU B 228 -17.44 31.21 8.09
CA LEU B 228 -18.87 30.97 8.24
C LEU B 228 -19.49 30.37 7.00
N LEU B 229 -18.75 30.36 5.88
CA LEU B 229 -19.13 29.68 4.66
C LEU B 229 -18.47 28.32 4.53
N ILE B 230 -17.20 28.22 4.94
CA ILE B 230 -16.58 26.91 5.04
C ILE B 230 -17.40 26.02 5.97
N ALA B 231 -17.88 26.58 7.09
CA ALA B 231 -18.71 25.83 8.01
C ALA B 231 -20.01 25.39 7.35
N LEU B 232 -20.64 26.25 6.55
CA LEU B 232 -21.87 25.87 5.87
C LEU B 232 -21.63 24.74 4.88
N GLY B 233 -20.55 24.80 4.12
CA GLY B 233 -20.24 23.71 3.20
C GLY B 233 -20.03 22.40 3.93
N ALA B 234 -19.35 22.45 5.07
CA ALA B 234 -19.12 21.21 5.82
C ALA B 234 -20.40 20.72 6.48
N GLY B 235 -21.27 21.64 6.92
CA GLY B 235 -22.52 21.23 7.53
C GLY B 235 -23.44 20.54 6.54
N VAL B 236 -23.50 21.05 5.30
CA VAL B 236 -24.37 20.43 4.32
C VAL B 236 -23.78 19.11 3.87
N SER B 237 -22.45 19.01 3.77
CA SER B 237 -21.86 17.72 3.42
C SER B 237 -22.13 16.69 4.52
N LEU B 238 -21.99 17.08 5.78
CA LEU B 238 -22.23 16.15 6.87
C LEU B 238 -23.69 15.70 6.91
N GLY B 239 -24.62 16.63 6.72
CA GLY B 239 -26.03 16.24 6.77
C GLY B 239 -26.41 15.31 5.63
N VAL B 240 -25.90 15.60 4.42
CA VAL B 240 -26.24 14.75 3.27
C VAL B 240 -25.61 13.37 3.43
N ASN B 241 -24.35 13.32 3.86
CA ASN B 241 -23.68 12.02 4.02
C ASN B 241 -24.34 11.19 5.11
N MET B 242 -24.63 11.80 6.26
CA MET B 242 -25.09 11.03 7.41
C MET B 242 -26.56 10.61 7.28
N PHE B 243 -27.41 11.44 6.70
CA PHE B 243 -28.84 11.17 6.77
C PHE B 243 -29.43 10.59 5.49
N ILE B 244 -28.61 10.16 4.54
CA ILE B 244 -29.12 9.50 3.35
C ILE B 244 -28.28 8.27 3.02
N TYR B 245 -28.75 7.10 3.44
CA TYR B 245 -28.08 5.82 3.20
C TYR B 245 -26.61 5.87 3.58
N PRO B 246 -26.29 5.99 4.85
CA PRO B 246 -24.88 6.07 5.28
C PRO B 246 -24.15 4.74 5.13
N ILE B 247 -22.82 4.85 5.02
CA ILE B 247 -21.93 3.70 4.97
C ILE B 247 -21.08 3.71 6.23
N TRP B 248 -21.09 2.59 6.95
CA TRP B 248 -20.39 2.47 8.22
C TRP B 248 -19.16 1.58 8.05
N ALA B 249 -18.02 2.02 8.58
CA ALA B 249 -16.79 1.24 8.49
C ALA B 249 -16.81 -0.01 9.37
N GLY B 250 -17.62 -0.02 10.43
CA GLY B 250 -17.72 -1.23 11.23
C GLY B 250 -18.33 -2.39 10.47
N GLU B 251 -19.35 -2.11 9.66
CA GLU B 251 -19.95 -3.16 8.85
C GLU B 251 -19.01 -3.60 7.73
N ASP B 252 -18.18 -2.68 7.22
CA ASP B 252 -17.15 -3.06 6.26
C ASP B 252 -16.14 -4.02 6.88
N LEU B 253 -15.72 -3.73 8.11
CA LEU B 253 -14.78 -4.62 8.80
C LEU B 253 -15.41 -5.98 9.07
N HIS B 254 -16.69 -5.99 9.47
CA HIS B 254 -17.38 -7.24 9.74
C HIS B 254 -17.49 -8.10 8.47
N ASN B 255 -17.80 -7.47 7.34
CA ASN B 255 -17.97 -8.23 6.10
C ASN B 255 -16.63 -8.66 5.53
N LEU B 256 -15.55 -7.94 5.82
CA LEU B 256 -14.24 -8.37 5.35
C LEU B 256 -13.73 -9.56 6.16
N VAL B 257 -14.02 -9.55 7.47
CA VAL B 257 -13.66 -10.70 8.28
C VAL B 257 -14.45 -11.93 7.84
N VAL B 258 -15.71 -11.74 7.46
CA VAL B 258 -16.49 -12.87 6.97
C VAL B 258 -15.96 -13.37 5.63
N LYS B 259 -15.52 -12.47 4.75
CA LYS B 259 -15.02 -12.87 3.43
C LYS B 259 -13.73 -13.69 3.50
N ASN B 260 -12.82 -13.31 4.41
CA ASN B 260 -11.51 -13.97 4.44
C ASN B 260 -11.63 -15.48 4.65
N PHE B 261 -12.58 -15.92 5.48
CA PHE B 261 -12.73 -17.33 5.77
C PHE B 261 -13.07 -18.12 4.51
N MET B 262 -13.97 -17.60 3.69
CA MET B 262 -14.36 -18.30 2.47
C MET B 262 -13.22 -18.28 1.46
N ASN B 263 -12.43 -17.20 1.42
CA ASN B 263 -11.30 -17.19 0.51
C ASN B 263 -10.29 -18.28 0.86
N VAL B 264 -9.97 -18.41 2.15
CA VAL B 264 -8.99 -19.41 2.56
C VAL B 264 -9.54 -20.82 2.34
N ALA B 265 -10.86 -21.00 2.59
CA ALA B 265 -11.46 -22.31 2.37
C ALA B 265 -11.40 -22.73 0.91
N THR B 266 -11.59 -21.77 0.00
CA THR B 266 -11.47 -22.11 -1.42
C THR B 266 -10.03 -22.42 -1.80
N SER B 267 -9.08 -21.66 -1.27
CA SER B 267 -7.68 -21.85 -1.64
C SER B 267 -7.17 -23.23 -1.22
N LEU B 268 -7.55 -23.69 -0.02
CA LEU B 268 -7.03 -24.99 0.43
C LEU B 268 -7.48 -26.12 -0.49
N GLU B 269 -8.75 -26.12 -0.88
CA GLU B 269 -9.25 -27.18 -1.76
C GLU B 269 -8.63 -27.06 -3.14
N GLY B 270 -8.41 -25.84 -3.62
CA GLY B 270 -7.78 -25.68 -4.91
C GLY B 270 -6.36 -26.21 -4.92
N CYS B 271 -5.63 -25.99 -3.82
CA CYS B 271 -4.26 -26.51 -3.75
C CYS B 271 -4.24 -28.03 -3.72
N VAL B 272 -5.11 -28.65 -2.92
CA VAL B 272 -5.08 -30.11 -2.86
C VAL B 272 -5.47 -30.72 -4.21
N ASN B 273 -6.51 -30.18 -4.85
CA ASN B 273 -6.91 -30.70 -6.15
C ASN B 273 -5.82 -30.49 -7.20
N GLY B 274 -5.15 -29.34 -7.16
CA GLY B 274 -4.08 -29.10 -8.11
C GLY B 274 -2.92 -30.05 -7.94
N TYR B 275 -2.54 -30.36 -6.69
CA TYR B 275 -1.46 -31.30 -6.48
C TYR B 275 -1.86 -32.70 -6.92
N LEU B 276 -3.10 -33.10 -6.67
CA LEU B 276 -3.53 -34.45 -7.02
C LEU B 276 -4.07 -34.56 -8.44
N ARG B 277 -4.16 -33.46 -9.18
CA ARG B 277 -4.67 -33.53 -10.54
C ARG B 277 -3.78 -34.41 -11.40
N CYS B 278 -4.41 -35.22 -12.25
CA CYS B 278 -3.68 -36.14 -13.12
C CYS B 278 -2.92 -35.39 -14.21
N VAL B 298 -6.72 -19.76 -6.55
CA VAL B 298 -5.82 -20.42 -5.62
C VAL B 298 -4.72 -19.46 -5.19
N TYR B 299 -4.77 -18.24 -5.69
CA TYR B 299 -3.80 -17.20 -5.36
C TYR B 299 -4.43 -16.00 -4.68
N LYS B 300 -5.56 -15.52 -5.18
CA LYS B 300 -6.22 -14.39 -4.54
C LYS B 300 -6.80 -14.79 -3.18
N GLY B 301 -6.96 -16.09 -2.94
CA GLY B 301 -7.54 -16.55 -1.69
C GLY B 301 -6.65 -16.18 -0.53
N TYR B 302 -5.43 -16.73 -0.49
CA TYR B 302 -4.52 -16.36 0.58
C TYR B 302 -3.92 -14.97 0.36
N ARG B 303 -3.91 -14.46 -0.87
CA ARG B 303 -3.42 -13.12 -1.09
C ARG B 303 -4.28 -12.08 -0.36
N SER B 304 -5.60 -12.24 -0.42
CA SER B 304 -6.48 -11.32 0.29
C SER B 304 -6.28 -11.40 1.79
N ALA B 305 -6.11 -12.62 2.32
CA ALA B 305 -5.97 -12.79 3.76
C ALA B 305 -4.60 -12.36 4.27
N VAL B 306 -3.60 -12.27 3.39
CA VAL B 306 -2.26 -11.91 3.83
C VAL B 306 -1.96 -10.43 3.54
N GLU B 307 -2.62 -9.88 2.52
CA GLU B 307 -2.34 -8.53 2.05
C GLU B 307 -3.33 -7.49 2.55
N SER B 308 -4.19 -7.84 3.52
CA SER B 308 -5.21 -6.91 4.00
C SER B 308 -5.00 -6.54 5.47
N THR B 309 -3.79 -6.63 5.99
CA THR B 309 -3.54 -6.31 7.39
C THR B 309 -3.80 -4.84 7.69
N SER B 310 -3.37 -3.94 6.80
CA SER B 310 -3.55 -2.51 7.03
C SER B 310 -4.97 -2.05 6.77
N GLN B 311 -5.69 -2.71 5.86
CA GLN B 311 -7.07 -2.32 5.58
C GLN B 311 -7.94 -2.50 6.82
N GLU B 312 -7.76 -3.62 7.54
CA GLU B 312 -8.53 -3.90 8.74
C GLU B 312 -8.10 -3.05 9.92
N GLU B 313 -6.97 -2.35 9.81
CA GLU B 313 -6.56 -1.42 10.85
C GLU B 313 -7.06 -0.01 10.57
N SER B 314 -7.14 0.37 9.29
CA SER B 314 -7.73 1.66 8.95
C SER B 314 -9.24 1.65 9.15
N LEU B 315 -9.89 0.53 8.85
CA LEU B 315 -11.32 0.42 9.11
C LEU B 315 -11.60 0.50 10.61
N MET B 316 -10.72 -0.07 11.42
CA MET B 316 -10.88 0.01 12.87
C MET B 316 -10.60 1.42 13.39
N SER B 317 -9.65 2.13 12.78
CA SER B 317 -9.42 3.52 13.15
C SER B 317 -10.65 4.37 12.86
N PHE B 318 -11.30 4.14 11.71
CA PHE B 318 -12.48 4.93 11.38
C PHE B 318 -13.69 4.55 12.23
N ALA B 319 -13.83 3.27 12.59
CA ALA B 319 -15.02 2.84 13.32
C ALA B 319 -15.08 3.35 14.75
N ILE B 320 -14.00 3.90 15.30
CA ILE B 320 -14.00 4.35 16.68
C ILE B 320 -14.78 5.66 16.86
N TRP B 321 -14.99 6.42 15.80
CA TRP B 321 -15.68 7.71 15.89
C TRP B 321 -17.19 7.59 15.73
N GLU B 322 -17.65 6.56 15.02
CA GLU B 322 -19.06 6.44 14.68
C GLU B 322 -19.90 6.14 15.92
N PRO B 323 -21.12 6.66 15.99
CA PRO B 323 -22.00 6.37 17.13
C PRO B 323 -22.65 5.02 17.00
N PRO B 324 -23.40 4.58 18.01
CA PRO B 324 -24.05 3.27 17.95
C PRO B 324 -25.13 3.21 16.89
N HIS B 325 -25.39 2.00 16.40
CA HIS B 325 -26.42 1.77 15.40
C HIS B 325 -26.60 0.27 15.19
N GLY B 326 -27.80 -0.11 14.77
CA GLY B 326 -28.09 -1.48 14.41
C GLY B 326 -27.75 -2.47 15.51
N PRO B 327 -27.12 -3.58 15.13
CA PRO B 327 -26.71 -4.57 16.14
C PRO B 327 -25.55 -4.13 17.01
N TYR B 328 -24.85 -3.07 16.64
CA TYR B 328 -23.70 -2.60 17.39
C TYR B 328 -24.12 -1.50 18.36
N LYS B 329 -24.80 -1.93 19.42
CA LYS B 329 -25.29 -1.04 20.46
C LYS B 329 -24.44 -1.26 21.72
N SER B 330 -23.54 -0.31 21.98
CA SER B 330 -22.69 -0.37 23.15
C SER B 330 -21.85 0.89 23.20
N PHE B 331 -21.42 1.25 24.42
CA PHE B 331 -20.55 2.42 24.57
C PHE B 331 -19.21 2.22 23.86
N ASN B 332 -18.61 1.04 23.99
CA ASN B 332 -17.32 0.75 23.37
C ASN B 332 -17.39 -0.68 22.80
N TYR B 333 -17.72 -0.77 21.53
CA TYR B 333 -17.77 -2.07 20.87
C TYR B 333 -16.35 -2.61 20.72
N PRO B 334 -16.11 -3.87 21.08
CA PRO B 334 -14.75 -4.43 20.94
C PRO B 334 -14.35 -4.71 19.50
N TRP B 335 -14.00 -3.67 18.75
CA TRP B 335 -13.57 -3.85 17.37
C TRP B 335 -12.23 -4.56 17.25
N LYS B 336 -11.44 -4.61 18.32
CA LYS B 336 -10.12 -5.21 18.27
C LYS B 336 -10.13 -6.73 18.24
N ASN B 337 -11.22 -7.36 18.71
CA ASN B 337 -11.27 -8.81 18.66
C ASN B 337 -11.45 -9.32 17.24
N TYR B 338 -12.01 -8.49 16.35
CA TYR B 338 -12.10 -8.85 14.94
C TYR B 338 -10.71 -8.91 14.31
N VAL B 339 -9.85 -7.96 14.64
CA VAL B 339 -8.50 -7.98 14.09
C VAL B 339 -7.68 -9.10 14.73
N LYS B 340 -7.98 -9.44 15.98
CA LYS B 340 -7.27 -10.56 16.59
C LYS B 340 -7.62 -11.87 15.91
N LEU B 341 -8.90 -12.06 15.57
CA LEU B 341 -9.28 -13.27 14.85
C LEU B 341 -8.74 -13.27 13.43
N SER B 342 -8.60 -12.09 12.82
CA SER B 342 -8.03 -12.04 11.48
C SER B 342 -6.55 -12.39 11.48
N GLY B 343 -5.81 -11.96 12.51
CA GLY B 343 -4.42 -12.36 12.61
C GLY B 343 -4.28 -13.85 12.87
N ALA B 344 -5.19 -14.42 13.68
CA ALA B 344 -5.15 -15.85 13.90
C ALA B 344 -5.37 -16.62 12.61
N LEU B 345 -6.26 -16.12 11.75
CA LEU B 345 -6.48 -16.78 10.46
C LEU B 345 -5.30 -16.60 9.50
N LYS B 346 -4.63 -15.45 9.54
CA LYS B 346 -3.48 -15.22 8.67
C LYS B 346 -2.33 -16.16 9.00
N HIS B 347 -2.13 -16.42 10.30
CA HIS B 347 -1.10 -17.38 10.69
C HIS B 347 -1.35 -18.74 10.06
N CYS B 348 -2.61 -19.12 9.86
CA CYS B 348 -2.93 -20.36 9.18
C CYS B 348 -2.77 -20.24 7.67
N ALA B 349 -3.07 -19.08 7.10
CA ALA B 349 -2.99 -18.93 5.64
C ALA B 349 -1.55 -18.99 5.13
N PHE B 350 -0.56 -18.76 5.99
CA PHE B 350 0.81 -18.86 5.51
C PHE B 350 1.17 -20.30 5.10
N THR B 351 0.64 -21.29 5.80
CA THR B 351 0.88 -22.69 5.40
C THR B 351 0.25 -23.00 4.06
N VAL B 352 -0.93 -22.45 3.79
CA VAL B 352 -1.54 -22.65 2.48
C VAL B 352 -0.69 -22.00 1.39
N MET B 353 -0.06 -20.86 1.71
CA MET B 353 0.86 -20.26 0.77
C MET B 353 2.03 -21.19 0.46
N ALA B 354 2.56 -21.86 1.48
CA ALA B 354 3.65 -22.80 1.24
C ALA B 354 3.19 -24.01 0.43
N LEU B 355 1.96 -24.47 0.67
CA LEU B 355 1.44 -25.58 -0.12
C LEU B 355 1.26 -25.19 -1.58
N HIS B 356 0.84 -23.95 -1.84
CA HIS B 356 0.78 -23.48 -3.22
C HIS B 356 2.18 -23.42 -3.83
N GLY B 357 3.16 -22.96 -3.06
CA GLY B 357 4.51 -22.89 -3.59
C GLY B 357 5.13 -24.24 -3.88
N CYS B 358 4.62 -25.30 -3.25
CA CYS B 358 5.12 -26.64 -3.58
C CYS B 358 4.78 -27.06 -5.01
N ILE B 359 3.64 -26.59 -5.55
CA ILE B 359 3.25 -26.97 -6.91
C ILE B 359 4.16 -26.35 -7.96
N LEU B 360 4.68 -25.14 -7.71
CA LEU B 360 5.47 -24.42 -8.70
C LEU B 360 6.96 -24.77 -8.66
N SER B 361 7.37 -25.66 -7.76
CA SER B 361 8.79 -25.95 -7.60
C SER B 361 9.37 -26.64 -8.82
N GLU B 362 10.69 -26.46 -9.01
CA GLU B 362 11.38 -27.10 -10.13
C GLU B 362 11.51 -28.60 -9.92
N ILE B 363 11.69 -29.04 -8.69
CA ILE B 363 11.83 -30.45 -8.35
C ILE B 363 10.46 -30.99 -7.94
N GLN B 364 10.06 -32.10 -8.53
CA GLN B 364 8.74 -32.67 -8.28
C GLN B 364 8.84 -34.20 -8.26
N ALA B 365 7.89 -34.84 -7.53
CA ALA B 365 7.81 -36.28 -7.36
C ALA B 365 7.04 -36.94 -8.50
N PRO B 366 7.33 -38.20 -8.80
CA PRO B 366 6.62 -38.88 -9.90
C PRO B 366 5.12 -38.96 -9.63
N GLU B 367 4.35 -38.82 -10.71
CA GLU B 367 2.89 -38.85 -10.57
C GLU B 367 2.40 -40.20 -10.06
N GLU B 368 3.12 -41.28 -10.37
CA GLU B 368 2.69 -42.61 -9.94
C GLU B 368 2.67 -42.72 -8.42
N ARG B 369 3.68 -42.17 -7.75
CA ARG B 369 3.78 -42.29 -6.30
C ARG B 369 2.82 -41.38 -5.55
N ARG B 370 2.29 -40.34 -6.21
CA ARG B 370 1.32 -39.47 -5.56
C ARG B 370 -0.01 -40.17 -5.33
N GLN B 371 -0.41 -41.04 -6.25
CA GLN B 371 -1.73 -41.67 -6.19
C GLN B 371 -1.88 -42.63 -5.03
N VAL B 372 -0.80 -43.01 -4.36
CA VAL B 372 -0.90 -43.94 -3.23
C VAL B 372 -1.61 -43.28 -2.04
N PHE B 373 -1.39 -41.98 -1.84
CA PHE B 373 -1.92 -41.26 -0.68
C PHE B 373 -3.09 -40.33 -1.03
N ARG B 374 -3.78 -40.58 -2.13
CA ARG B 374 -4.80 -39.64 -2.62
C ARG B 374 -5.97 -39.50 -1.64
N GLN B 375 -6.47 -40.62 -1.11
CA GLN B 375 -7.68 -40.60 -0.32
C GLN B 375 -7.52 -39.79 0.96
N GLU B 376 -6.39 -39.95 1.65
CA GLU B 376 -6.18 -39.27 2.92
C GLU B 376 -6.05 -37.76 2.72
N LEU B 377 -5.34 -37.36 1.66
CA LEU B 377 -5.18 -35.94 1.39
C LEU B 377 -6.51 -35.31 1.01
N GLN B 378 -7.35 -36.05 0.29
CA GLN B 378 -8.65 -35.49 -0.09
C GLN B 378 -9.57 -35.36 1.12
N ARG B 379 -9.51 -36.34 2.03
CA ARG B 379 -10.33 -36.24 3.23
C ARG B 379 -9.88 -35.07 4.12
N VAL B 380 -8.57 -34.87 4.24
CA VAL B 380 -8.08 -33.79 5.09
C VAL B 380 -8.50 -32.44 4.52
N GLY B 381 -8.40 -32.28 3.21
CA GLY B 381 -8.82 -31.02 2.61
C GLY B 381 -10.32 -30.78 2.76
N VAL B 382 -11.12 -31.85 2.63
CA VAL B 382 -12.56 -31.70 2.74
C VAL B 382 -12.95 -31.26 4.16
N GLU B 383 -12.32 -31.87 5.17
CA GLU B 383 -12.68 -31.51 6.53
C GLU B 383 -12.18 -30.12 6.91
N GLY B 384 -11.04 -29.70 6.36
CA GLY B 384 -10.56 -28.35 6.63
C GLY B 384 -11.47 -27.29 6.03
N ALA B 385 -11.95 -27.55 4.80
CA ALA B 385 -12.82 -26.56 4.18
C ALA B 385 -14.18 -26.51 4.87
N LYS B 386 -14.67 -27.67 5.32
CA LYS B 386 -15.93 -27.67 6.06
C LYS B 386 -15.81 -26.88 7.35
N LEU B 387 -14.71 -27.05 8.08
CA LEU B 387 -14.56 -26.32 9.34
C LEU B 387 -14.44 -24.82 9.11
N LEU B 388 -13.71 -24.41 8.08
CA LEU B 388 -13.54 -22.98 7.86
C LEU B 388 -14.84 -22.33 7.39
N ARG B 389 -15.67 -23.06 6.62
CA ARG B 389 -16.94 -22.48 6.22
C ARG B 389 -17.93 -22.45 7.38
N GLU B 390 -17.84 -23.41 8.30
CA GLU B 390 -18.69 -23.36 9.48
C GLU B 390 -18.34 -22.16 10.36
N LEU B 391 -17.04 -21.86 10.48
CA LEU B 391 -16.66 -20.71 11.30
C LEU B 391 -17.05 -19.39 10.63
N GLY B 392 -16.96 -19.32 9.29
CA GLY B 392 -17.42 -18.12 8.61
C GLY B 392 -18.91 -17.91 8.73
N GLU B 393 -19.68 -19.00 8.66
CA GLU B 393 -21.13 -18.87 8.78
C GLU B 393 -21.54 -18.50 10.20
N LYS B 394 -20.82 -18.98 11.21
CA LYS B 394 -21.16 -18.60 12.58
C LYS B 394 -20.73 -17.17 12.90
N VAL B 395 -19.66 -16.68 12.28
CA VAL B 395 -19.30 -15.28 12.45
C VAL B 395 -20.32 -14.36 11.78
N LYS B 396 -20.83 -14.76 10.61
CA LYS B 396 -21.74 -13.89 9.88
C LYS B 396 -23.04 -13.64 10.66
N LYS B 397 -23.59 -14.67 11.29
CA LYS B 397 -24.87 -14.55 11.98
C LYS B 397 -24.78 -14.05 13.40
N MET B 398 -23.56 -13.86 13.94
CA MET B 398 -23.38 -13.47 15.33
C MET B 398 -24.00 -14.51 16.26
N GLU B 399 -23.49 -15.72 16.17
CA GLU B 399 -24.00 -16.86 16.92
C GLU B 399 -22.87 -17.50 17.72
N LYS B 400 -23.25 -18.18 18.80
CA LYS B 400 -22.27 -18.84 19.65
C LYS B 400 -22.02 -20.27 19.19
N LEU B 401 -20.92 -20.84 19.69
CA LEU B 401 -20.56 -22.21 19.34
C LEU B 401 -21.46 -23.20 20.05
N GLY B 402 -21.65 -24.36 19.42
CA GLY B 402 -22.47 -25.41 19.98
C GLY B 402 -21.72 -26.22 21.03
N PRO B 403 -22.36 -27.29 21.52
CA PRO B 403 -21.71 -28.12 22.54
C PRO B 403 -20.73 -29.13 21.97
N VAL B 404 -20.94 -29.53 20.72
CA VAL B 404 -20.11 -30.57 20.10
C VAL B 404 -18.75 -30.01 19.74
N ASP B 405 -17.75 -30.89 19.71
CA ASP B 405 -16.39 -30.52 19.33
C ASP B 405 -16.28 -30.38 17.83
N LEU B 406 -15.80 -29.22 17.38
CA LEU B 406 -15.72 -28.93 15.94
C LEU B 406 -14.52 -29.58 15.27
N LEU B 407 -13.49 -29.96 16.03
CA LEU B 407 -12.23 -30.43 15.48
C LEU B 407 -12.07 -31.94 15.51
N PHE B 408 -13.12 -32.69 15.88
CA PHE B 408 -12.97 -34.13 16.03
C PHE B 408 -12.66 -34.82 14.71
N GLU B 409 -13.38 -34.45 13.64
CA GLU B 409 -13.26 -35.17 12.38
C GLU B 409 -11.94 -34.86 11.68
N VAL B 410 -11.51 -33.60 11.73
CA VAL B 410 -10.24 -33.24 11.09
C VAL B 410 -9.07 -33.88 11.81
N HIS B 411 -9.14 -33.96 13.14
CA HIS B 411 -8.10 -34.65 13.90
C HIS B 411 -8.06 -36.13 13.55
N LEU B 412 -9.22 -36.76 13.42
CA LEU B 412 -9.23 -38.18 13.06
C LEU B 412 -8.66 -38.38 11.65
N ALA B 413 -8.98 -37.48 10.72
CA ALA B 413 -8.43 -37.59 9.37
C ALA B 413 -6.91 -37.43 9.37
N ALA B 414 -6.40 -36.48 10.15
CA ALA B 414 -4.95 -36.28 10.18
C ALA B 414 -4.24 -37.47 10.82
N GLU B 415 -4.88 -38.13 11.79
CA GLU B 415 -4.27 -39.31 12.37
C GLU B 415 -4.28 -40.48 11.39
N GLU B 416 -5.33 -40.58 10.56
CA GLU B 416 -5.34 -41.61 9.53
C GLU B 416 -4.25 -41.35 8.50
N LEU B 417 -4.04 -40.08 8.14
CA LEU B 417 -2.96 -39.76 7.20
C LEU B 417 -1.60 -40.10 7.79
N GLN B 418 -1.40 -39.83 9.08
CA GLN B 418 -0.13 -40.17 9.70
C GLN B 418 0.10 -41.69 9.67
N HIS B 419 -0.93 -42.47 9.98
CA HIS B 419 -0.77 -43.92 9.93
C HIS B 419 -0.43 -44.39 8.52
N LYS B 420 -1.11 -43.84 7.51
CA LYS B 420 -0.82 -44.25 6.15
C LYS B 420 0.61 -43.91 5.75
N ILE B 421 1.09 -42.72 6.12
CA ILE B 421 2.47 -42.37 5.81
C ILE B 421 3.43 -43.31 6.52
N ASP B 422 3.10 -43.70 7.75
CA ASP B 422 3.97 -44.61 8.49
C ASP B 422 4.07 -45.97 7.81
N LYS B 423 2.96 -46.47 7.26
CA LYS B 423 2.99 -47.83 6.72
C LYS B 423 3.75 -47.93 5.41
N LYS B 424 3.82 -46.85 4.63
CA LYS B 424 4.43 -46.88 3.30
C LYS B 424 5.61 -45.93 3.17
N SER B 425 6.32 -45.67 4.27
CA SER B 425 7.44 -44.73 4.23
C SER B 425 8.56 -45.19 3.32
N TYR B 426 8.60 -46.47 2.95
CA TYR B 426 9.68 -46.97 2.11
C TYR B 426 9.69 -46.39 0.71
N LEU B 427 8.61 -45.73 0.29
CA LEU B 427 8.56 -45.08 -1.02
C LEU B 427 9.11 -43.66 -1.00
N LEU B 428 9.51 -43.16 0.17
CA LEU B 428 10.08 -41.82 0.27
C LEU B 428 11.60 -41.81 0.29
N VAL B 429 12.21 -42.84 0.88
CA VAL B 429 13.66 -42.95 1.01
C VAL B 429 14.10 -44.29 0.41
N ASN B 430 15.40 -44.54 0.47
CA ASN B 430 15.97 -45.78 0.00
C ASN B 430 16.84 -46.39 1.09
N SER B 431 16.95 -47.72 1.09
CA SER B 431 17.67 -48.44 2.11
C SER B 431 18.99 -49.05 1.62
N GLU B 432 19.29 -48.95 0.33
CA GLU B 432 20.53 -49.53 -0.18
C GLU B 432 21.75 -48.83 0.40
N CYS B 433 21.70 -47.50 0.51
CA CYS B 433 22.84 -46.71 0.94
C CYS B 433 22.92 -46.51 2.44
N TRP B 434 22.01 -47.11 3.20
CA TRP B 434 22.00 -46.90 4.65
C TRP B 434 23.30 -47.36 5.28
N GLU B 435 23.86 -46.52 6.14
CA GLU B 435 25.13 -46.81 6.79
C GLU B 435 25.03 -46.60 8.30
N LYS B 527 21.13 -41.10 -8.02
CA LYS B 527 20.93 -39.79 -8.60
C LYS B 527 20.32 -38.81 -7.60
N THR B 528 20.94 -37.63 -7.48
CA THR B 528 20.44 -36.63 -6.54
C THR B 528 19.03 -36.18 -6.90
N TYR B 529 18.76 -35.99 -8.19
CA TYR B 529 17.44 -35.52 -8.59
C TYR B 529 16.35 -36.52 -8.22
N GLU B 530 16.61 -37.81 -8.42
CA GLU B 530 15.60 -38.82 -8.09
C GLU B 530 15.32 -38.84 -6.59
N SER B 531 16.38 -38.73 -5.77
CA SER B 531 16.19 -38.71 -4.33
C SER B 531 15.42 -37.48 -3.89
N ALA B 532 15.71 -36.32 -4.49
CA ALA B 532 14.98 -35.11 -4.12
C ALA B 532 13.52 -35.21 -4.53
N SER B 533 13.26 -35.77 -5.71
CA SER B 533 11.89 -35.94 -6.16
C SER B 533 11.12 -36.85 -5.22
N ALA B 534 11.75 -37.95 -4.79
CA ALA B 534 11.07 -38.85 -3.87
C ALA B 534 10.83 -38.18 -2.52
N LEU B 535 11.80 -37.41 -2.03
CA LEU B 535 11.67 -36.76 -0.73
C LEU B 535 10.74 -35.57 -0.72
N SER B 536 10.36 -35.04 -1.89
CA SER B 536 9.52 -33.85 -1.90
C SER B 536 8.05 -34.10 -1.61
N LEU B 537 7.59 -35.36 -1.58
CA LEU B 537 6.20 -35.63 -1.20
C LEU B 537 5.97 -35.53 0.31
N ALA B 538 7.01 -35.81 1.10
CA ALA B 538 6.86 -35.70 2.55
C ALA B 538 6.82 -34.25 3.00
N THR B 539 7.27 -33.31 2.16
CA THR B 539 7.13 -31.90 2.50
C THR B 539 5.68 -31.46 2.36
N PHE B 540 4.99 -31.95 1.32
CA PHE B 540 3.57 -31.68 1.17
C PHE B 540 2.78 -32.28 2.33
N ALA B 541 3.12 -33.52 2.71
CA ALA B 541 2.37 -34.16 3.79
C ALA B 541 2.63 -33.48 5.14
N SER B 542 3.87 -33.06 5.39
CA SER B 542 4.18 -32.36 6.64
C SER B 542 3.53 -30.99 6.69
N LEU B 543 3.44 -30.30 5.55
CA LEU B 543 2.78 -29.00 5.55
C LEU B 543 1.29 -29.14 5.79
N LEU B 544 0.70 -30.26 5.34
CA LEU B 544 -0.72 -30.45 5.59
C LEU B 544 -0.98 -30.78 7.07
N ILE B 545 -0.07 -31.55 7.68
CA ILE B 545 -0.24 -31.85 9.10
C ILE B 545 -0.06 -30.59 9.94
N GLU B 546 0.88 -29.71 9.55
CA GLU B 546 1.04 -28.46 10.30
C GLU B 546 -0.16 -27.54 10.13
N PHE B 547 -0.78 -27.53 8.94
CA PHE B 547 -1.99 -26.74 8.77
C PHE B 547 -3.09 -27.24 9.70
N VAL B 548 -3.23 -28.56 9.79
CA VAL B 548 -4.26 -29.08 10.70
C VAL B 548 -3.91 -28.76 12.15
N ALA B 549 -2.62 -28.70 12.48
CA ALA B 549 -2.22 -28.41 13.86
C ALA B 549 -2.45 -26.95 14.25
N ARG B 550 -2.53 -26.03 13.30
CA ARG B 550 -2.67 -24.62 13.66
C ARG B 550 -4.10 -24.11 13.87
N LEU B 551 -5.13 -24.95 13.74
CA LEU B 551 -6.52 -24.49 13.78
C LEU B 551 -7.03 -24.13 15.19
N GLN B 552 -6.45 -24.73 16.22
CA GLN B 552 -6.94 -24.53 17.57
C GLN B 552 -6.84 -23.08 18.02
N ASN B 553 -5.85 -22.35 17.50
CA ASN B 553 -5.70 -20.95 17.88
C ASN B 553 -6.82 -20.09 17.29
N VAL B 554 -7.24 -20.40 16.07
CA VAL B 554 -8.38 -19.68 15.48
C VAL B 554 -9.64 -20.00 16.25
N VAL B 555 -9.78 -21.24 16.72
CA VAL B 555 -10.99 -21.59 17.47
C VAL B 555 -11.01 -20.85 18.81
N ASP B 556 -9.85 -20.73 19.46
CA ASP B 556 -9.79 -19.99 20.72
C ASP B 556 -10.08 -18.50 20.51
N ALA B 557 -9.56 -17.93 19.42
CA ALA B 557 -9.85 -16.53 19.15
C ALA B 557 -11.34 -16.31 18.91
N PHE B 558 -11.99 -17.23 18.21
CA PHE B 558 -13.44 -17.10 18.02
C PHE B 558 -14.17 -17.20 19.34
N LYS B 559 -13.76 -18.12 20.21
CA LYS B 559 -14.42 -18.25 21.50
C LYS B 559 -14.24 -16.99 22.35
N GLU B 560 -13.12 -16.29 22.16
CA GLU B 560 -12.94 -15.03 22.91
C GLU B 560 -13.79 -13.91 22.35
N LEU B 561 -13.91 -13.84 21.01
CA LEU B 561 -14.71 -12.76 20.41
C LEU B 561 -16.19 -12.97 20.68
N SER B 562 -16.65 -14.22 20.68
CA SER B 562 -18.06 -14.48 20.95
C SER B 562 -18.44 -14.19 22.39
N GLN B 563 -17.45 -14.02 23.28
CA GLN B 563 -17.69 -13.68 24.68
C GLN B 563 -17.58 -12.20 24.95
N LYS B 564 -16.54 -11.53 24.41
CA LYS B 564 -16.46 -10.08 24.59
C LYS B 564 -17.67 -9.37 24.00
N ALA B 565 -18.08 -9.78 22.80
CA ALA B 565 -19.32 -9.31 22.20
C ALA B 565 -20.43 -10.29 22.50
N ASN B 566 -21.57 -9.79 22.96
CA ASN B 566 -22.65 -10.65 23.45
C ASN B 566 -23.33 -11.33 22.27
N PHE B 567 -22.68 -12.38 21.77
CA PHE B 567 -23.26 -13.16 20.69
C PHE B 567 -24.45 -13.97 21.19
N LYS B 568 -25.38 -14.24 20.28
CA LYS B 568 -26.60 -14.95 20.62
C LYS B 568 -26.35 -16.45 20.75
N GLU B 569 -27.10 -17.07 21.66
CA GLU B 569 -27.01 -18.52 21.83
C GLU B 569 -27.60 -19.23 20.61
N PRO B 570 -27.08 -20.40 20.28
CA PRO B 570 -27.59 -21.13 19.11
C PRO B 570 -28.89 -21.85 19.42
N GLU B 571 -29.64 -22.12 18.35
CA GLU B 571 -30.91 -22.81 18.46
C GLU B 571 -31.91 -21.98 19.27
#